data_9HH2
#
_entry.id   9HH2
#
_cell.length_a   95.630
_cell.length_b   96.190
_cell.length_c   106.650
_cell.angle_alpha   90.000
_cell.angle_beta   90.000
_cell.angle_gamma   90.000
#
_symmetry.space_group_name_H-M   'P 21 21 21'
#
loop_
_entity.id
_entity.type
_entity.pdbx_description
1 polymer 'Sulfatase, family S1-19'
2 branched 3,6-anhydro-2-O-sulfo-alpha-D-galactopyranose-(1-3)-beta-D-galactopyranose-(1-4)-3,6-anhydro-2-O-sulfo-alpha-D-galactopyranose-(1-3)-4-O-sulfo-beta-D-galactopyranose
3 non-polymer 'CALCIUM ION'
4 non-polymer 'BROMIDE ION'
5 non-polymer 'CHLORIDE ION'
6 non-polymer GLYCEROL
7 water water
#
_entity_poly.entity_id   1
_entity_poly.type   'polypeptide(L)'
_entity_poly.pdbx_seq_one_letter_code
;MGSSHHHHHHGSQETRPNILVVLCDDLGYADVGFNGSTDILTPELDNLAQNGSIFTSAYVAHPF(OSE)GPSRSAILTGR
YPHLTGTAYNLFHNSSEDDKDNMGVPVEETYMSKVLQNAGYYTSAIGKWHLGAAPKFHPNKRGFDDFYGFLGGGHDYFPS
EYQKTYKAQKKAGNPNIRDYVFPMEHNGKPANETEYITDGFSREAIKNIKIAAAKKQPFFIYLAYNAPHVPLQAKAEDVA
KFAHIKDKDRRTYAAMVYAVDRGVGKIVQTLKETKQFDNTLIVFLSDNGGNFNHGANNYPLKGTKGDTWEGGYRVPMFFH
WPKKIKKDQRFDFPVSSLDLYPTFTGLAEAKLPKGKQLDGKNIMDDVLKNTEPYKDEMIYSLRYREGYNDVGARMGDWKI
TRMGNEPWRLHNITQDIGEKKNLAGRYPDRLKEMIAKTQEWTKSFVKPLWVYSVKDKELWESGQMPNYEATFEVDKLVDS
PYHK
;
_entity_poly.pdbx_strand_id   A,B
#
loop_
_chem_comp.id
_chem_comp.type
_chem_comp.name
_chem_comp.formula
BR non-polymer 'BROMIDE ION' 'Br -1'
CA non-polymer 'CALCIUM ION' 'Ca 2'
CL non-polymer 'CHLORIDE ION' 'Cl -1'
DGS D-saccharide, alpha linking 3,6-anhydro-2-O-sulfo-alpha-D-galactopyranose 'C6 H10 O8 S'
G4S D-saccharide, beta linking 4-O-sulfo-beta-D-galactopyranose 'C6 H12 O9 S'
GAL D-saccharide, beta linking beta-D-galactopyranose 'C6 H12 O6'
GOL non-polymer GLYCEROL 'C3 H8 O3'
#
# COMPACT_ATOMS: atom_id res chain seq x y z
N GLU A 14 43.23 -27.99 -0.29
CA GLU A 14 42.20 -26.97 -0.33
C GLU A 14 40.84 -27.55 0.05
N THR A 15 40.28 -27.05 1.16
CA THR A 15 38.98 -27.48 1.65
C THR A 15 37.97 -26.34 1.74
N ARG A 16 38.39 -25.11 1.44
CA ARG A 16 37.47 -23.99 1.53
C ARG A 16 36.38 -24.13 0.47
N PRO A 17 35.14 -23.76 0.79
CA PRO A 17 34.06 -23.99 -0.16
C PRO A 17 34.05 -22.96 -1.27
N ASN A 18 33.57 -23.39 -2.43
CA ASN A 18 33.13 -22.43 -3.44
C ASN A 18 31.91 -21.70 -2.91
N ILE A 19 31.70 -20.48 -3.40
CA ILE A 19 30.55 -19.67 -3.00
C ILE A 19 29.87 -19.17 -4.26
N LEU A 20 28.58 -19.47 -4.41
CA LEU A 20 27.76 -18.98 -5.52
C LEU A 20 26.63 -18.17 -4.94
N VAL A 21 26.58 -16.88 -5.26
CA VAL A 21 25.44 -16.03 -4.91
C VAL A 21 24.55 -15.93 -6.12
N VAL A 22 23.31 -16.37 -6.00
CA VAL A 22 22.32 -16.22 -7.06
C VAL A 22 21.39 -15.13 -6.58
N LEU A 23 21.50 -13.95 -7.19
CA LEU A 23 20.79 -12.76 -6.74
C LEU A 23 19.80 -12.36 -7.82
N CYS A 24 18.51 -12.47 -7.51
CA CYS A 24 17.48 -11.98 -8.41
C CYS A 24 17.18 -10.52 -8.12
N ASP A 25 16.45 -9.88 -9.05
CA ASP A 25 16.22 -8.44 -9.07
C ASP A 25 14.71 -8.20 -9.00
N ASP A 26 14.21 -7.70 -7.86
CA ASP A 26 12.78 -7.43 -7.67
C ASP A 26 11.95 -8.71 -7.63
N LEU A 27 12.51 -9.81 -7.12
CA LEU A 27 11.75 -11.04 -7.00
C LEU A 27 10.80 -10.96 -5.81
N GLY A 28 9.51 -11.21 -6.05
CA GLY A 28 8.51 -11.11 -5.01
C GLY A 28 8.57 -12.25 -4.00
N TYR A 29 8.03 -11.97 -2.80
CA TYR A 29 8.21 -12.89 -1.67
C TYR A 29 7.53 -14.23 -1.91
N ALA A 30 6.40 -14.23 -2.62
CA ALA A 30 5.65 -15.46 -2.86
C ALA A 30 5.88 -15.99 -4.27
N ASP A 31 7.01 -15.67 -4.88
CA ASP A 31 7.19 -15.94 -6.29
C ASP A 31 8.22 -17.02 -6.58
N VAL A 32 8.58 -17.79 -5.55
CA VAL A 32 9.31 -19.05 -5.69
C VAL A 32 8.56 -20.11 -4.90
N GLY A 33 8.58 -21.34 -5.39
CA GLY A 33 7.79 -22.40 -4.76
C GLY A 33 8.15 -22.62 -3.31
N PHE A 34 9.44 -22.60 -2.99
CA PHE A 34 9.84 -22.90 -1.61
C PHE A 34 9.42 -21.81 -0.65
N ASN A 35 9.06 -20.63 -1.15
CA ASN A 35 8.59 -19.56 -0.29
C ASN A 35 7.10 -19.27 -0.46
N GLY A 36 6.36 -20.21 -1.03
CA GLY A 36 4.91 -20.15 -1.01
C GLY A 36 4.23 -20.04 -2.36
N SER A 37 4.95 -20.01 -3.49
CA SER A 37 4.26 -19.80 -4.75
C SER A 37 3.43 -21.02 -5.14
N THR A 38 2.22 -20.76 -5.62
CA THR A 38 1.38 -21.81 -6.16
C THR A 38 1.25 -21.77 -7.66
N ASP A 39 1.60 -20.66 -8.31
CA ASP A 39 1.48 -20.56 -9.76
C ASP A 39 2.81 -20.47 -10.49
N ILE A 40 3.86 -19.98 -9.85
CA ILE A 40 5.16 -19.92 -10.49
C ILE A 40 5.92 -21.19 -10.15
N LEU A 41 6.46 -21.86 -11.18
CA LEU A 41 7.16 -23.12 -11.03
C LEU A 41 8.65 -22.84 -10.94
N THR A 42 9.26 -23.23 -9.82
CA THR A 42 10.72 -23.11 -9.62
C THR A 42 11.26 -24.41 -9.06
N PRO A 43 11.17 -25.50 -9.83
CA PRO A 43 11.55 -26.81 -9.28
C PRO A 43 13.03 -26.94 -8.92
N GLU A 44 13.93 -26.30 -9.69
CA GLU A 44 15.36 -26.42 -9.38
C GLU A 44 15.72 -25.65 -8.12
N LEU A 45 15.21 -24.41 -8.01
CA LEU A 45 15.42 -23.65 -6.78
C LEU A 45 14.80 -24.36 -5.59
N ASP A 46 13.59 -24.89 -5.77
CA ASP A 46 12.93 -25.59 -4.67
C ASP A 46 13.74 -26.79 -4.22
N ASN A 47 14.31 -27.53 -5.17
CA ASN A 47 15.08 -28.70 -4.79
C ASN A 47 16.31 -28.30 -3.96
N LEU A 48 17.01 -27.25 -4.37
CA LEU A 48 18.13 -26.78 -3.57
C LEU A 48 17.66 -26.35 -2.19
N ALA A 49 16.59 -25.56 -2.13
CA ALA A 49 16.07 -25.08 -0.85
C ALA A 49 15.69 -26.24 0.06
N GLN A 50 15.02 -27.25 -0.48
CA GLN A 50 14.60 -28.40 0.33
C GLN A 50 15.79 -29.21 0.82
N ASN A 51 16.93 -29.13 0.12
CA ASN A 51 18.13 -29.84 0.51
C ASN A 51 19.10 -28.96 1.29
N GLY A 52 18.62 -27.82 1.79
CA GLY A 52 19.42 -26.95 2.63
C GLY A 52 18.54 -26.21 3.61
N SER A 53 18.85 -24.94 3.85
CA SER A 53 18.19 -24.14 4.87
C SER A 53 17.43 -22.99 4.23
N ILE A 54 16.11 -22.97 4.45
CA ILE A 54 15.25 -21.86 4.02
C ILE A 54 15.19 -20.83 5.13
N PHE A 55 15.44 -19.56 4.80
CA PHE A 55 15.43 -18.49 5.78
C PHE A 55 14.07 -17.79 5.68
N THR A 56 13.27 -17.92 6.73
CA THR A 56 11.92 -17.38 6.69
C THR A 56 11.84 -15.93 7.12
N SER A 57 12.92 -15.36 7.66
CA SER A 57 13.00 -13.95 8.03
C SER A 57 14.32 -13.37 7.55
N ALA A 58 14.50 -13.36 6.22
CA ALA A 58 15.72 -12.83 5.60
C ALA A 58 15.46 -11.42 5.09
N TYR A 59 16.36 -10.50 5.39
CA TYR A 59 16.19 -9.09 5.05
C TYR A 59 17.36 -8.58 4.23
N VAL A 60 17.06 -7.72 3.25
CA VAL A 60 18.10 -6.93 2.61
C VAL A 60 18.21 -5.58 3.32
N ALA A 61 19.33 -4.90 3.11
CA ALA A 61 19.63 -3.70 3.87
C ALA A 61 18.92 -2.45 3.36
N HIS A 62 18.22 -2.53 2.23
CA HIS A 62 17.50 -1.40 1.69
C HIS A 62 16.44 -1.95 0.76
N PRO A 63 15.26 -1.30 0.66
CA PRO A 63 14.16 -1.87 -0.14
C PRO A 63 14.24 -1.59 -1.64
N PHE A 64 15.38 -1.16 -2.15
CA PHE A 64 15.57 -1.17 -3.60
C PHE A 64 17.06 -1.27 -3.98
N OSE A 65 17.30 -1.53 -5.27
CA OSE A 65 18.51 -2.26 -5.76
CB OSE A 65 18.45 -2.47 -7.23
OG OSE A 65 18.03 -1.24 -7.72
C OSE A 65 19.84 -1.58 -5.44
O OSE A 65 20.69 -2.29 -4.92
S OSE A 65 16.60 -1.29 -8.30
O1S OSE A 65 16.04 0.01 -8.07
O2S OSE A 65 16.87 -1.58 -9.70
O3S OSE A 65 15.90 -2.35 -7.62
N GLY A 66 20.06 -0.34 -5.89
CA GLY A 66 21.41 0.21 -5.80
C GLY A 66 21.96 0.16 -4.39
N PRO A 67 21.21 0.72 -3.45
CA PRO A 67 21.66 0.66 -2.05
C PRO A 67 21.71 -0.75 -1.47
N SER A 68 20.80 -1.63 -1.88
CA SER A 68 20.86 -3.00 -1.43
C SER A 68 22.12 -3.71 -1.95
N ARG A 69 22.43 -3.51 -3.24
CA ARG A 69 23.60 -4.16 -3.81
C ARG A 69 24.89 -3.57 -3.24
N SER A 70 24.88 -2.26 -2.99
CA SER A 70 26.01 -1.63 -2.30
C SER A 70 26.24 -2.29 -0.95
N ALA A 71 25.16 -2.55 -0.21
CA ALA A 71 25.27 -3.18 1.10
C ALA A 71 25.78 -4.60 0.99
N ILE A 72 25.33 -5.35 -0.03
CA ILE A 72 25.79 -6.73 -0.17
C ILE A 72 27.29 -6.76 -0.37
N LEU A 73 27.80 -5.94 -1.29
CA LEU A 73 29.22 -6.02 -1.64
C LEU A 73 30.12 -5.31 -0.64
N THR A 74 29.66 -4.22 0.00
CA THR A 74 30.46 -3.57 1.03
C THR A 74 30.27 -4.13 2.43
N GLY A 75 29.18 -4.85 2.69
CA GLY A 75 28.92 -5.27 4.05
C GLY A 75 28.45 -4.18 5.00
N ARG A 76 28.07 -3.01 4.49
CA ARG A 76 27.64 -1.88 5.31
C ARG A 76 26.31 -1.35 4.82
N TYR A 77 25.50 -0.86 5.77
CA TYR A 77 24.28 -0.15 5.39
C TYR A 77 24.61 0.99 4.44
N PRO A 78 23.78 1.26 3.44
CA PRO A 78 24.13 2.32 2.47
C PRO A 78 24.12 3.70 3.09
N HIS A 79 23.46 3.88 4.24
CA HIS A 79 23.46 5.15 4.93
C HIS A 79 24.82 5.47 5.55
N LEU A 80 25.70 4.47 5.65
CA LEU A 80 27.04 4.67 6.17
C LEU A 80 28.07 4.87 5.08
N THR A 81 27.72 4.54 3.83
CA THR A 81 28.62 4.68 2.70
C THR A 81 28.18 5.76 1.73
N GLY A 82 27.05 6.43 1.99
CA GLY A 82 26.62 7.50 1.12
C GLY A 82 25.93 7.04 -0.14
N THR A 83 25.45 5.79 -0.16
CA THR A 83 24.92 5.18 -1.37
C THR A 83 23.46 4.75 -1.20
N ALA A 84 22.69 5.50 -0.41
CA ALA A 84 21.30 5.15 -0.15
C ALA A 84 20.30 5.65 -1.19
N TYR A 85 20.76 6.30 -2.27
CA TYR A 85 19.93 6.56 -3.43
C TYR A 85 20.48 5.78 -4.63
N ASN A 86 19.60 5.45 -5.56
CA ASN A 86 20.02 4.86 -6.83
C ASN A 86 20.84 5.85 -7.64
N LEU A 87 21.84 5.33 -8.37
CA LEU A 87 22.39 6.09 -9.49
C LEU A 87 21.32 6.25 -10.55
N PHE A 88 21.29 7.42 -11.19
CA PHE A 88 20.32 7.66 -12.25
C PHE A 88 20.71 6.86 -13.49
N HIS A 89 19.74 6.65 -14.39
CA HIS A 89 20.12 5.97 -15.62
C HIS A 89 21.17 6.80 -16.38
N ASN A 90 22.09 6.10 -17.02
CA ASN A 90 23.17 6.73 -17.78
C ASN A 90 24.04 7.63 -16.89
N SER A 91 24.27 7.19 -15.66
CA SER A 91 25.06 8.00 -14.74
C SER A 91 26.50 8.12 -15.24
N SER A 92 27.20 9.12 -14.72
CA SER A 92 28.46 9.55 -15.32
C SER A 92 29.48 8.43 -15.38
N GLU A 93 30.14 8.32 -16.53
CA GLU A 93 31.17 7.33 -16.75
C GLU A 93 32.58 7.93 -16.59
N ASP A 94 32.68 9.15 -16.07
CA ASP A 94 33.94 9.81 -15.81
C ASP A 94 34.30 9.64 -14.34
N ASP A 95 35.51 9.13 -14.08
CA ASP A 95 35.99 8.97 -12.72
C ASP A 95 35.86 10.25 -11.91
N LYS A 96 36.06 11.40 -12.55
CA LYS A 96 36.06 12.68 -11.84
C LYS A 96 34.72 12.96 -11.15
N ASP A 97 33.62 12.38 -11.63
CA ASP A 97 32.31 12.66 -11.09
C ASP A 97 31.93 11.80 -9.89
N ASN A 98 32.68 10.72 -9.62
CA ASN A 98 32.51 9.92 -8.41
C ASN A 98 31.09 9.35 -8.27
N MET A 99 30.46 9.01 -9.38
CA MET A 99 29.10 8.45 -9.35
C MET A 99 29.22 6.93 -9.25
N GLY A 100 29.55 6.49 -8.03
CA GLY A 100 29.73 5.07 -7.76
C GLY A 100 30.07 4.86 -6.31
N VAL A 101 29.98 3.61 -5.88
CA VAL A 101 30.26 3.27 -4.48
C VAL A 101 31.71 3.62 -4.16
N PRO A 102 31.99 4.30 -3.04
CA PRO A 102 33.37 4.71 -2.73
C PRO A 102 34.38 3.58 -2.90
N VAL A 103 35.47 3.89 -3.61
CA VAL A 103 36.49 2.89 -3.90
C VAL A 103 37.23 2.45 -2.64
N GLU A 104 37.22 3.26 -1.59
CA GLU A 104 37.87 2.92 -0.33
C GLU A 104 37.12 1.85 0.44
N GLU A 105 35.85 1.60 0.10
CA GLU A 105 35.02 0.66 0.83
C GLU A 105 35.19 -0.70 0.17
N THR A 106 36.13 -1.49 0.69
CA THR A 106 36.58 -2.70 0.01
C THR A 106 35.47 -3.75 -0.11
N TYR A 107 35.23 -4.23 -1.33
CA TYR A 107 34.21 -5.23 -1.57
C TYR A 107 34.66 -6.60 -1.10
N MET A 108 33.69 -7.45 -0.73
CA MET A 108 34.06 -8.81 -0.33
C MET A 108 34.69 -9.57 -1.48
N SER A 109 34.34 -9.23 -2.72
CA SER A 109 34.99 -9.86 -3.87
C SER A 109 36.50 -9.65 -3.84
N LYS A 110 36.94 -8.42 -3.54
CA LYS A 110 38.37 -8.14 -3.47
C LYS A 110 39.03 -8.90 -2.32
N VAL A 111 38.34 -9.02 -1.19
CA VAL A 111 38.88 -9.78 -0.06
C VAL A 111 39.04 -11.25 -0.43
N LEU A 112 38.03 -11.83 -1.08
CA LEU A 112 38.12 -13.23 -1.48
C LEU A 112 39.18 -13.42 -2.57
N GLN A 113 39.26 -12.49 -3.52
CA GLN A 113 40.29 -12.57 -4.56
C GLN A 113 41.67 -12.57 -3.94
N ASN A 114 41.90 -11.68 -2.96
CA ASN A 114 43.18 -11.64 -2.28
C ASN A 114 43.45 -12.89 -1.44
N ALA A 115 42.41 -13.64 -1.08
CA ALA A 115 42.58 -14.89 -0.37
C ALA A 115 42.67 -16.09 -1.31
N GLY A 116 42.82 -15.85 -2.61
CA GLY A 116 43.06 -16.91 -3.56
C GLY A 116 41.84 -17.48 -4.24
N TYR A 117 40.67 -16.83 -4.12
CA TYR A 117 39.49 -17.27 -4.85
C TYR A 117 39.50 -16.76 -6.28
N TYR A 118 39.00 -17.58 -7.19
CA TYR A 118 38.68 -17.13 -8.54
C TYR A 118 37.33 -16.44 -8.51
N THR A 119 37.29 -15.16 -8.88
CA THR A 119 36.10 -14.34 -8.65
C THR A 119 35.45 -13.93 -9.96
N SER A 120 34.12 -14.01 -10.01
CA SER A 120 33.37 -13.76 -11.23
C SER A 120 32.10 -13.01 -10.87
N ALA A 121 31.80 -11.96 -11.62
CA ALA A 121 30.53 -11.23 -11.52
C ALA A 121 29.80 -11.35 -12.86
N ILE A 122 28.50 -11.62 -12.81
CA ILE A 122 27.69 -11.83 -14.00
C ILE A 122 26.40 -11.06 -13.85
N GLY A 123 26.00 -10.35 -14.88
CA GLY A 123 24.69 -9.73 -14.93
C GLY A 123 24.73 -8.26 -14.50
N LYS A 124 23.83 -7.88 -13.60
CA LYS A 124 23.62 -6.49 -13.23
C LYS A 124 24.66 -6.00 -12.22
N TRP A 125 25.13 -4.76 -12.42
CA TRP A 125 26.09 -4.16 -11.50
C TRP A 125 25.40 -3.10 -10.64
N HIS A 126 25.20 -1.90 -11.21
CA HIS A 126 24.48 -0.79 -10.60
C HIS A 126 25.26 -0.14 -9.48
N LEU A 127 26.58 -0.29 -9.49
CA LEU A 127 27.44 0.22 -8.42
C LEU A 127 28.42 1.27 -8.94
N GLY A 128 28.19 1.79 -10.14
CA GLY A 128 29.05 2.80 -10.73
C GLY A 128 29.47 2.43 -12.14
N ALA A 129 29.37 3.37 -13.08
CA ALA A 129 29.66 3.11 -14.48
C ALA A 129 30.97 3.73 -14.95
N ALA A 130 31.70 4.37 -14.06
CA ALA A 130 33.00 4.94 -14.38
C ALA A 130 34.09 3.90 -14.12
N PRO A 131 35.25 4.03 -14.77
CA PRO A 131 36.25 2.96 -14.70
C PRO A 131 36.68 2.56 -13.29
N LYS A 132 36.82 3.51 -12.36
CA LYS A 132 37.29 3.12 -11.04
C LYS A 132 36.27 2.31 -10.26
N PHE A 133 35.02 2.27 -10.73
CA PHE A 133 33.97 1.51 -10.08
C PHE A 133 33.72 0.16 -10.77
N HIS A 134 34.50 -0.16 -11.79
CA HIS A 134 34.23 -1.32 -12.62
C HIS A 134 34.49 -2.62 -11.85
N PRO A 135 33.70 -3.67 -12.09
CA PRO A 135 33.95 -4.97 -11.43
C PRO A 135 35.41 -5.44 -11.44
N ASN A 136 36.11 -5.29 -12.56
CA ASN A 136 37.50 -5.75 -12.63
C ASN A 136 38.42 -4.97 -11.71
N LYS A 137 38.07 -3.73 -11.34
CA LYS A 137 38.83 -2.98 -10.35
C LYS A 137 38.35 -3.22 -8.93
N ARG A 138 37.25 -3.96 -8.74
CA ARG A 138 36.65 -4.18 -7.43
C ARG A 138 36.68 -5.66 -7.05
N GLY A 139 37.71 -6.39 -7.48
CA GLY A 139 37.94 -7.73 -6.99
C GLY A 139 37.39 -8.86 -7.83
N PHE A 140 36.93 -8.60 -9.04
CA PHE A 140 36.37 -9.63 -9.91
C PHE A 140 37.33 -9.94 -11.05
N ASP A 141 37.83 -11.20 -11.08
CA ASP A 141 38.67 -11.63 -12.20
C ASP A 141 37.91 -11.53 -13.52
N ASP A 142 36.63 -11.90 -13.52
CA ASP A 142 35.83 -11.87 -14.74
C ASP A 142 34.56 -11.10 -14.47
N PHE A 143 34.12 -10.33 -15.46
CA PHE A 143 32.82 -9.68 -15.43
C PHE A 143 32.15 -9.88 -16.78
N TYR A 144 30.89 -10.30 -16.75
CA TYR A 144 30.07 -10.39 -17.96
C TYR A 144 28.72 -9.80 -17.62
N GLY A 145 28.36 -8.69 -18.25
CA GLY A 145 27.05 -8.13 -17.92
C GLY A 145 26.98 -6.66 -18.28
N PHE A 146 26.22 -5.91 -17.48
CA PHE A 146 25.98 -4.50 -17.75
C PHE A 146 26.16 -3.68 -16.48
N LEU A 147 26.59 -2.43 -16.66
CA LEU A 147 26.99 -1.63 -15.50
C LEU A 147 25.82 -0.93 -14.81
N GLY A 148 24.73 -0.67 -15.52
CA GLY A 148 23.64 0.13 -15.00
C GLY A 148 22.60 -0.66 -14.24
N GLY A 149 21.39 -0.09 -14.18
CA GLY A 149 20.30 -0.59 -13.36
C GLY A 149 19.38 -1.59 -14.01
N GLY A 150 19.44 -1.76 -15.32
CA GLY A 150 18.56 -2.74 -15.95
C GLY A 150 18.93 -2.92 -17.40
N HIS A 151 18.26 -3.86 -18.04
CA HIS A 151 18.59 -4.11 -19.44
C HIS A 151 17.43 -4.81 -20.13
N ASP A 152 17.23 -4.49 -21.41
CA ASP A 152 16.29 -5.25 -22.21
C ASP A 152 16.83 -6.67 -22.40
N TYR A 153 15.90 -7.62 -22.61
CA TYR A 153 16.25 -9.03 -22.47
C TYR A 153 16.62 -9.73 -23.77
N PHE A 154 16.25 -9.20 -24.92
CA PHE A 154 16.49 -9.92 -26.18
C PHE A 154 17.52 -9.20 -27.03
N PRO A 155 18.70 -9.78 -27.22
CA PRO A 155 19.74 -9.10 -28.04
C PRO A 155 19.29 -8.77 -29.44
N SER A 156 18.51 -9.64 -30.09
CA SER A 156 18.03 -9.33 -31.44
C SER A 156 17.18 -8.05 -31.46
N GLU A 157 16.58 -7.68 -30.33
CA GLU A 157 15.82 -6.44 -30.24
C GLU A 157 16.70 -5.27 -29.83
N TYR A 158 17.46 -5.40 -28.74
CA TYR A 158 18.16 -4.22 -28.24
C TYR A 158 19.38 -3.87 -29.07
N GLN A 159 20.03 -4.85 -29.71
CA GLN A 159 21.16 -4.54 -30.57
C GLN A 159 20.71 -3.81 -31.83
N LYS A 160 19.54 -4.18 -32.36
CA LYS A 160 19.00 -3.45 -33.50
C LYS A 160 18.68 -2.00 -33.14
N THR A 161 18.07 -1.80 -31.96
CA THR A 161 17.73 -0.46 -31.52
C THR A 161 18.99 0.36 -31.28
N TYR A 162 19.95 -0.20 -30.56
CA TYR A 162 21.21 0.50 -30.30
C TYR A 162 21.90 0.90 -31.59
N LYS A 163 21.99 -0.03 -32.54
CA LYS A 163 22.70 0.24 -33.79
C LYS A 163 22.00 1.32 -34.59
N ALA A 164 20.68 1.26 -34.67
CA ALA A 164 19.93 2.27 -35.42
C ALA A 164 20.05 3.65 -34.78
N GLN A 165 19.98 3.72 -33.45
CA GLN A 165 20.08 5.02 -32.79
C GLN A 165 21.49 5.57 -32.84
N LYS A 166 22.50 4.71 -32.80
CA LYS A 166 23.88 5.16 -32.95
C LYS A 166 24.10 5.77 -34.32
N LYS A 167 23.64 5.08 -35.37
CA LYS A 167 23.80 5.61 -36.73
C LYS A 167 23.02 6.90 -36.91
N ALA A 168 21.82 6.99 -36.32
CA ALA A 168 21.03 8.21 -36.42
C ALA A 168 21.59 9.35 -35.59
N GLY A 169 22.66 9.13 -34.81
CA GLY A 169 23.24 10.18 -34.01
C GLY A 169 22.51 10.50 -32.73
N ASN A 170 21.68 9.59 -32.23
CA ASN A 170 20.90 9.82 -31.02
C ASN A 170 21.84 10.11 -29.86
N PRO A 171 21.68 11.24 -29.17
CA PRO A 171 22.53 11.51 -27.99
C PRO A 171 21.94 11.06 -26.67
N ASN A 172 20.70 10.57 -26.66
CA ASN A 172 20.01 10.11 -25.47
C ASN A 172 19.69 8.62 -25.54
N ILE A 173 20.66 7.82 -25.99
CA ILE A 173 20.44 6.37 -26.03
C ILE A 173 20.39 5.84 -24.61
N ARG A 174 19.31 5.13 -24.28
CA ARG A 174 19.11 4.60 -22.93
C ARG A 174 20.06 3.45 -22.65
N ASP A 175 20.60 3.40 -21.43
CA ASP A 175 21.57 2.34 -21.16
C ASP A 175 20.92 0.95 -21.14
N TYR A 176 19.58 0.86 -21.17
CA TYR A 176 18.93 -0.45 -21.25
C TYR A 176 19.17 -1.16 -22.58
N VAL A 177 19.63 -0.45 -23.61
CA VAL A 177 19.91 -1.08 -24.90
C VAL A 177 21.41 -1.07 -25.23
N PHE A 178 22.26 -0.59 -24.32
CA PHE A 178 23.70 -0.63 -24.56
C PHE A 178 24.17 -2.08 -24.73
N PRO A 179 25.13 -2.33 -25.61
CA PRO A 179 25.77 -3.65 -25.61
C PRO A 179 26.31 -3.98 -24.23
N MET A 180 26.12 -5.24 -23.83
CA MET A 180 26.76 -5.73 -22.62
C MET A 180 28.25 -5.90 -22.86
N GLU A 181 28.98 -6.18 -21.80
CA GLU A 181 30.43 -6.28 -21.90
C GLU A 181 30.93 -7.57 -21.27
N HIS A 182 32.13 -7.96 -21.71
CA HIS A 182 32.91 -9.00 -21.08
C HIS A 182 34.28 -8.39 -20.80
N ASN A 183 34.57 -8.13 -19.53
CA ASN A 183 35.85 -7.54 -19.11
C ASN A 183 36.20 -6.33 -19.96
N GLY A 184 35.21 -5.46 -20.15
CA GLY A 184 35.42 -4.22 -20.88
C GLY A 184 35.35 -4.34 -22.38
N LYS A 185 35.16 -5.53 -22.93
CA LYS A 185 35.03 -5.75 -24.36
C LYS A 185 33.57 -6.08 -24.72
N PRO A 186 33.18 -5.93 -25.99
CA PRO A 186 31.79 -6.24 -26.35
C PRO A 186 31.44 -7.69 -26.06
N ALA A 187 30.26 -7.89 -25.47
CA ALA A 187 29.84 -9.24 -25.11
C ALA A 187 29.33 -10.03 -26.30
N ASN A 188 28.73 -9.36 -27.28
CA ASN A 188 28.13 -10.02 -28.45
C ASN A 188 27.17 -11.12 -28.04
N GLU A 189 26.30 -10.80 -27.09
CA GLU A 189 25.31 -11.76 -26.61
C GLU A 189 24.38 -12.17 -27.74
N THR A 190 24.00 -13.45 -27.76
CA THR A 190 23.08 -13.96 -28.76
C THR A 190 21.83 -14.60 -28.18
N GLU A 191 21.76 -14.78 -26.85
CA GLU A 191 20.64 -15.44 -26.21
C GLU A 191 19.86 -14.44 -25.35
N TYR A 192 18.59 -14.76 -25.14
CA TYR A 192 17.83 -14.15 -24.04
C TYR A 192 18.74 -14.01 -22.83
N ILE A 193 18.85 -12.79 -22.29
CA ILE A 193 20.06 -12.55 -21.48
C ILE A 193 20.08 -13.37 -20.20
N THR A 194 18.91 -13.77 -19.66
CA THR A 194 18.91 -14.69 -18.53
C THR A 194 19.63 -15.98 -18.90
N ASP A 195 19.36 -16.52 -20.10
CA ASP A 195 20.07 -17.71 -20.55
C ASP A 195 21.56 -17.43 -20.74
N GLY A 196 21.90 -16.26 -21.25
CA GLY A 196 23.30 -15.91 -21.41
C GLY A 196 24.05 -15.83 -20.09
N PHE A 197 23.41 -15.24 -19.07
CA PHE A 197 24.03 -15.17 -17.76
C PHE A 197 24.20 -16.56 -17.16
N SER A 198 23.22 -17.45 -17.36
CA SER A 198 23.36 -18.82 -16.90
C SER A 198 24.52 -19.52 -17.61
N ARG A 199 24.63 -19.27 -18.92
CA ARG A 199 25.72 -19.84 -19.71
C ARG A 199 27.07 -19.41 -19.17
N GLU A 200 27.22 -18.12 -18.87
CA GLU A 200 28.48 -17.62 -18.35
C GLU A 200 28.77 -18.16 -16.95
N ALA A 201 27.74 -18.37 -16.13
CA ALA A 201 27.98 -18.97 -14.83
C ALA A 201 28.53 -20.38 -14.97
N ILE A 202 27.95 -21.15 -15.89
CA ILE A 202 28.44 -22.50 -16.18
C ILE A 202 29.89 -22.46 -16.61
N LYS A 203 30.22 -21.51 -17.49
CA LYS A 203 31.59 -21.41 -17.98
C LYS A 203 32.56 -21.10 -16.86
N ASN A 204 32.21 -20.17 -15.98
CA ASN A 204 33.14 -19.80 -14.91
C ASN A 204 33.27 -20.91 -13.87
N ILE A 205 32.21 -21.66 -13.61
CA ILE A 205 32.33 -22.87 -12.79
C ILE A 205 33.35 -23.82 -13.40
N LYS A 206 33.28 -24.03 -14.72
CA LYS A 206 34.22 -24.95 -15.36
C LYS A 206 35.65 -24.40 -15.33
N ILE A 207 35.80 -23.08 -15.44
CA ILE A 207 37.13 -22.47 -15.36
C ILE A 207 37.72 -22.71 -13.98
N ALA A 208 36.93 -22.47 -12.93
CA ALA A 208 37.40 -22.70 -11.57
C ALA A 208 37.78 -24.16 -11.36
N ALA A 209 36.99 -25.09 -11.90
CA ALA A 209 37.30 -26.51 -11.75
C ALA A 209 38.62 -26.85 -12.43
N ALA A 210 38.84 -26.29 -13.62
CA ALA A 210 40.10 -26.57 -14.33
C ALA A 210 41.29 -25.96 -13.59
N LYS A 211 41.10 -24.79 -12.99
CA LYS A 211 42.16 -24.16 -12.20
C LYS A 211 42.37 -24.82 -10.85
N LYS A 212 41.43 -25.66 -10.40
CA LYS A 212 41.45 -26.25 -9.06
C LYS A 212 41.59 -25.16 -8.00
N GLN A 213 40.77 -24.14 -8.14
CA GLN A 213 40.74 -22.95 -7.33
C GLN A 213 39.33 -22.76 -6.81
N PRO A 214 39.14 -22.45 -5.53
CA PRO A 214 37.77 -22.13 -5.05
C PRO A 214 37.25 -20.91 -5.78
N PHE A 215 35.96 -20.92 -6.12
CA PHE A 215 35.38 -19.79 -6.83
C PHE A 215 34.44 -19.01 -5.93
N PHE A 216 34.31 -17.73 -6.25
CA PHE A 216 33.23 -16.88 -5.78
C PHE A 216 32.55 -16.32 -7.02
N ILE A 217 31.28 -16.68 -7.23
CA ILE A 217 30.54 -16.19 -8.38
C ILE A 217 29.36 -15.37 -7.87
N TYR A 218 29.28 -14.12 -8.30
CA TYR A 218 28.20 -13.20 -7.98
C TYR A 218 27.32 -13.14 -9.23
N LEU A 219 26.24 -13.93 -9.23
CA LEU A 219 25.38 -14.11 -10.39
C LEU A 219 24.14 -13.26 -10.17
N ALA A 220 24.17 -12.04 -10.72
CA ALA A 220 23.14 -11.04 -10.48
C ALA A 220 22.22 -10.97 -11.69
N TYR A 221 21.29 -11.93 -11.77
CA TYR A 221 20.25 -11.87 -12.79
C TYR A 221 19.48 -10.56 -12.71
N ASN A 222 19.16 -9.97 -13.87
CA ASN A 222 18.23 -8.86 -13.80
C ASN A 222 16.77 -9.33 -13.73
N ALA A 223 16.49 -10.60 -14.01
CA ALA A 223 15.12 -11.08 -13.89
C ALA A 223 14.72 -11.16 -12.41
N PRO A 224 13.44 -10.93 -12.10
CA PRO A 224 12.33 -10.53 -12.98
C PRO A 224 12.05 -9.03 -13.03
N HIS A 225 13.09 -8.21 -12.97
CA HIS A 225 12.94 -6.76 -13.08
C HIS A 225 12.43 -6.36 -14.47
N VAL A 226 11.65 -5.29 -14.52
CA VAL A 226 11.16 -4.78 -15.80
C VAL A 226 12.31 -4.48 -16.75
N PRO A 227 12.09 -4.50 -18.07
CA PRO A 227 10.81 -4.77 -18.76
C PRO A 227 10.38 -6.22 -18.68
N LEU A 228 9.08 -6.47 -18.60
CA LEU A 228 8.57 -7.84 -18.57
C LEU A 228 8.68 -8.42 -19.97
N GLN A 229 9.72 -9.25 -20.17
CA GLN A 229 10.06 -9.81 -21.48
C GLN A 229 10.47 -11.24 -21.23
N ALA A 230 9.82 -12.18 -21.93
CA ALA A 230 10.04 -13.59 -21.67
C ALA A 230 10.06 -14.34 -23.00
N LYS A 231 10.72 -15.50 -22.97
CA LYS A 231 10.75 -16.40 -24.12
C LYS A 231 9.40 -17.07 -24.31
N ALA A 232 8.99 -17.23 -25.57
CA ALA A 232 7.72 -17.89 -25.85
C ALA A 232 7.70 -19.31 -25.26
N GLU A 233 8.83 -20.01 -25.30
CA GLU A 233 8.90 -21.37 -24.77
C GLU A 233 8.61 -21.40 -23.27
N ASP A 234 9.04 -20.38 -22.55
CA ASP A 234 8.76 -20.31 -21.12
C ASP A 234 7.33 -19.86 -20.86
N VAL A 235 6.84 -18.86 -21.60
CA VAL A 235 5.46 -18.39 -21.42
C VAL A 235 4.47 -19.53 -21.64
N ALA A 236 4.79 -20.45 -22.55
CA ALA A 236 3.89 -21.55 -22.87
C ALA A 236 3.63 -22.44 -21.66
N LYS A 237 4.58 -22.50 -20.73
CA LYS A 237 4.40 -23.31 -19.55
C LYS A 237 3.50 -22.65 -18.52
N PHE A 238 3.06 -21.42 -18.75
CA PHE A 238 2.24 -20.68 -17.81
C PHE A 238 0.92 -20.22 -18.43
N ALA A 239 0.39 -21.02 -19.37
CA ALA A 239 -0.94 -20.73 -19.89
C ALA A 239 -2.01 -20.80 -18.81
N HIS A 240 -1.74 -21.42 -17.66
CA HIS A 240 -2.72 -21.43 -16.58
C HIS A 240 -2.84 -20.08 -15.88
N ILE A 241 -2.13 -19.05 -16.32
CA ILE A 241 -2.14 -17.74 -15.70
C ILE A 241 -2.79 -16.76 -16.66
N LYS A 242 -3.94 -16.21 -16.25
CA LYS A 242 -4.74 -15.36 -17.15
C LYS A 242 -4.15 -13.95 -17.28
N ASP A 243 -3.66 -13.40 -16.17
CA ASP A 243 -3.10 -12.03 -16.20
C ASP A 243 -1.79 -12.02 -16.99
N LYS A 244 -1.72 -11.15 -18.00
CA LYS A 244 -0.56 -11.18 -18.91
C LYS A 244 0.73 -10.84 -18.18
N ASP A 245 0.71 -9.83 -17.32
CA ASP A 245 1.93 -9.45 -16.61
C ASP A 245 2.39 -10.55 -15.68
N ARG A 246 1.46 -11.17 -14.93
CA ARG A 246 1.84 -12.29 -14.07
C ARG A 246 2.39 -13.46 -14.88
N ARG A 247 1.76 -13.74 -16.03
CA ARG A 247 2.24 -14.83 -16.88
C ARG A 247 3.65 -14.57 -17.38
N THR A 248 3.89 -13.35 -17.88
CA THR A 248 5.22 -13.02 -18.38
C THR A 248 6.26 -13.07 -17.26
N TYR A 249 5.91 -12.47 -16.12
CA TYR A 249 6.79 -12.48 -14.95
C TYR A 249 7.11 -13.90 -14.51
N ALA A 250 6.08 -14.76 -14.44
CA ALA A 250 6.31 -16.16 -14.09
C ALA A 250 7.31 -16.80 -15.04
N ALA A 251 7.15 -16.57 -16.34
CA ALA A 251 8.08 -17.13 -17.32
C ALA A 251 9.50 -16.60 -17.12
N MET A 252 9.64 -15.33 -16.69
CA MET A 252 10.97 -14.78 -16.43
C MET A 252 11.64 -15.48 -15.25
N VAL A 253 10.89 -15.73 -14.18
CA VAL A 253 11.43 -16.45 -13.03
C VAL A 253 11.76 -17.88 -13.43
N TYR A 254 10.90 -18.50 -14.24
CA TYR A 254 11.16 -19.87 -14.68
C TYR A 254 12.47 -19.97 -15.47
N ALA A 255 12.78 -18.93 -16.26
CA ALA A 255 14.05 -18.92 -16.98
C ALA A 255 15.23 -18.93 -16.01
N VAL A 256 15.14 -18.19 -14.91
CA VAL A 256 16.18 -18.26 -13.88
C VAL A 256 16.30 -19.68 -13.34
N ASP A 257 15.15 -20.28 -13.03
CA ASP A 257 15.16 -21.63 -12.47
C ASP A 257 15.81 -22.62 -13.44
N ARG A 258 15.51 -22.51 -14.73
CA ARG A 258 16.18 -23.37 -15.72
C ARG A 258 17.68 -23.21 -15.64
N GLY A 259 18.16 -21.97 -15.55
CA GLY A 259 19.59 -21.73 -15.49
C GLY A 259 20.20 -22.32 -14.23
N VAL A 260 19.50 -22.17 -13.11
CA VAL A 260 19.97 -22.77 -11.85
C VAL A 260 20.09 -24.28 -12.00
N GLY A 261 19.13 -24.91 -12.67
CA GLY A 261 19.22 -26.34 -12.91
C GLY A 261 20.46 -26.74 -13.69
N LYS A 262 20.76 -25.99 -14.76
CA LYS A 262 21.96 -26.29 -15.54
C LYS A 262 23.22 -26.04 -14.73
N ILE A 263 23.21 -24.99 -13.90
CA ILE A 263 24.33 -24.72 -13.01
C ILE A 263 24.56 -25.88 -12.05
N VAL A 264 23.47 -26.41 -11.47
CA VAL A 264 23.59 -27.52 -10.54
C VAL A 264 24.17 -28.75 -11.25
N GLN A 265 23.68 -29.04 -12.45
CA GLN A 265 24.24 -30.16 -13.20
C GLN A 265 25.73 -29.98 -13.44
N THR A 266 26.14 -28.75 -13.75
CA THR A 266 27.56 -28.46 -13.97
C THR A 266 28.37 -28.65 -12.69
N LEU A 267 27.86 -28.16 -11.56
CA LEU A 267 28.53 -28.41 -10.29
C LEU A 267 28.68 -29.90 -10.01
N LYS A 268 27.65 -30.69 -10.35
CA LYS A 268 27.76 -32.13 -10.14
C LYS A 268 28.81 -32.73 -11.06
N GLU A 269 28.80 -32.33 -12.34
CA GLU A 269 29.74 -32.90 -13.30
C GLU A 269 31.19 -32.59 -12.92
N THR A 270 31.44 -31.39 -12.41
CA THR A 270 32.79 -30.98 -12.04
C THR A 270 33.16 -31.40 -10.63
N LYS A 271 32.29 -32.14 -9.94
CA LYS A 271 32.48 -32.58 -8.56
C LYS A 271 32.72 -31.39 -7.61
N GLN A 272 32.06 -30.26 -7.89
CA GLN A 272 32.13 -29.10 -7.01
C GLN A 272 30.86 -28.92 -6.18
N PHE A 273 29.83 -29.74 -6.42
CA PHE A 273 28.50 -29.51 -5.86
C PHE A 273 28.49 -29.64 -4.33
N ASP A 274 29.15 -30.67 -3.80
CA ASP A 274 29.02 -30.95 -2.37
C ASP A 274 29.69 -29.87 -1.52
N ASN A 275 30.75 -29.24 -2.02
CA ASN A 275 31.47 -28.22 -1.26
C ASN A 275 31.32 -26.86 -1.91
N THR A 276 30.14 -26.56 -2.43
CA THR A 276 29.76 -25.22 -2.84
C THR A 276 28.64 -24.75 -1.93
N LEU A 277 28.80 -23.56 -1.37
CA LEU A 277 27.70 -22.90 -0.68
C LEU A 277 26.97 -22.07 -1.71
N ILE A 278 25.72 -22.43 -2.00
CA ILE A 278 24.86 -21.65 -2.86
C ILE A 278 23.95 -20.81 -1.99
N VAL A 279 23.98 -19.50 -2.17
CA VAL A 279 23.09 -18.57 -1.50
C VAL A 279 22.21 -17.93 -2.56
N PHE A 280 20.89 -18.11 -2.42
CA PHE A 280 19.91 -17.53 -3.34
C PHE A 280 19.11 -16.48 -2.59
N LEU A 281 18.93 -15.30 -3.18
CA LEU A 281 18.05 -14.30 -2.58
C LEU A 281 17.63 -13.29 -3.65
N SER A 282 16.75 -12.38 -3.25
CA SER A 282 16.38 -11.23 -4.05
C SER A 282 17.04 -9.97 -3.48
N ASP A 283 17.29 -8.98 -4.34
CA ASP A 283 17.87 -7.75 -3.82
C ASP A 283 16.86 -6.86 -3.09
N ASN A 284 15.56 -7.08 -3.29
CA ASN A 284 14.54 -6.31 -2.58
C ASN A 284 13.20 -6.99 -2.88
N GLY A 285 12.13 -6.43 -2.30
CA GLY A 285 10.81 -7.01 -2.47
C GLY A 285 10.30 -6.88 -3.89
N GLY A 286 9.29 -7.67 -4.23
CA GLY A 286 8.69 -7.56 -5.54
C GLY A 286 7.93 -6.26 -5.71
N ASN A 287 7.90 -5.79 -6.95
CA ASN A 287 7.09 -4.62 -7.31
C ASN A 287 5.73 -5.14 -7.75
N PHE A 288 4.71 -4.96 -6.91
CA PHE A 288 3.42 -5.57 -7.26
C PHE A 288 2.67 -4.80 -8.36
N ASN A 289 3.26 -3.75 -8.92
CA ASN A 289 2.71 -3.17 -10.15
C ASN A 289 3.16 -3.89 -11.41
N HIS A 290 4.20 -4.73 -11.32
CA HIS A 290 4.78 -5.35 -12.50
C HIS A 290 4.97 -6.83 -12.28
N GLY A 291 3.90 -7.50 -11.84
CA GLY A 291 3.79 -8.93 -11.88
C GLY A 291 4.07 -9.66 -10.57
N ALA A 292 4.71 -8.99 -9.60
CA ALA A 292 5.20 -9.67 -8.41
C ALA A 292 4.11 -9.81 -7.35
N ASN A 293 4.32 -10.77 -6.45
CA ASN A 293 3.38 -11.05 -5.35
C ASN A 293 4.21 -11.25 -4.10
N ASN A 294 3.97 -10.42 -3.07
CA ASN A 294 4.75 -10.50 -1.83
C ASN A 294 4.00 -11.18 -0.69
N TYR A 295 2.93 -11.91 -1.00
CA TYR A 295 2.14 -12.53 0.05
C TYR A 295 3.04 -13.36 0.97
N PRO A 296 2.81 -13.33 2.30
CA PRO A 296 1.76 -12.64 3.06
C PRO A 296 2.15 -11.27 3.59
N LEU A 297 3.19 -10.68 3.01
CA LEU A 297 3.71 -9.39 3.46
C LEU A 297 2.91 -8.23 2.88
N LYS A 298 2.84 -7.15 3.66
CA LYS A 298 2.27 -5.91 3.19
C LYS A 298 3.27 -5.17 2.31
N GLY A 299 2.77 -4.53 1.28
CA GLY A 299 3.59 -3.57 0.56
C GLY A 299 4.38 -4.14 -0.61
N THR A 300 5.30 -3.31 -1.07
CA THR A 300 5.91 -3.47 -2.38
C THR A 300 7.34 -2.94 -2.31
N LYS A 301 8.12 -3.29 -3.33
CA LYS A 301 9.45 -2.74 -3.54
C LYS A 301 9.52 -1.26 -3.13
N GLY A 302 10.53 -0.91 -2.33
CA GLY A 302 10.74 0.45 -1.91
C GLY A 302 10.12 0.81 -0.57
N ASP A 303 9.18 0.01 -0.07
CA ASP A 303 8.54 0.25 1.22
C ASP A 303 9.42 -0.25 2.38
N THR A 304 9.12 0.26 3.58
CA THR A 304 9.66 -0.33 4.80
C THR A 304 8.64 -1.18 5.53
N TRP A 305 7.45 -1.37 4.97
CA TRP A 305 6.72 -2.59 5.27
C TRP A 305 7.61 -3.79 4.94
N GLU A 306 7.28 -4.95 5.52
CA GLU A 306 8.06 -6.15 5.25
C GLU A 306 8.21 -6.40 3.75
N GLY A 307 7.16 -6.10 2.98
CA GLY A 307 7.19 -6.43 1.55
C GLY A 307 8.29 -5.73 0.77
N GLY A 308 8.85 -4.65 1.31
CA GLY A 308 9.89 -3.94 0.59
C GLY A 308 11.26 -4.57 0.70
N TYR A 309 11.56 -5.24 1.83
CA TYR A 309 12.94 -5.67 2.04
C TYR A 309 13.08 -7.00 2.77
N ARG A 310 11.99 -7.73 3.00
CA ARG A 310 12.09 -9.12 3.43
C ARG A 310 11.99 -9.99 2.16
N VAL A 311 12.95 -10.90 1.99
CA VAL A 311 13.11 -11.56 0.69
C VAL A 311 13.23 -13.07 0.88
N PRO A 312 12.97 -13.84 -0.16
CA PRO A 312 13.27 -15.27 -0.08
C PRO A 312 14.76 -15.48 0.03
N MET A 313 15.17 -16.49 0.77
CA MET A 313 16.59 -16.84 0.78
C MET A 313 16.75 -18.30 1.22
N PHE A 314 17.68 -19.00 0.58
CA PHE A 314 18.17 -20.26 1.11
C PHE A 314 19.69 -20.31 1.04
N PHE A 315 20.26 -21.16 1.91
CA PHE A 315 21.65 -21.59 1.85
C PHE A 315 21.65 -23.08 1.50
N HIS A 316 22.45 -23.47 0.51
CA HIS A 316 22.59 -24.88 0.14
C HIS A 316 24.07 -25.23 0.12
N TRP A 317 24.46 -26.20 0.95
CA TRP A 317 25.86 -26.58 1.09
C TRP A 317 25.89 -28.00 1.63
N PRO A 318 25.89 -29.01 0.77
CA PRO A 318 25.67 -30.39 1.23
C PRO A 318 26.69 -30.87 2.25
N LYS A 319 27.92 -30.37 2.19
CA LYS A 319 28.95 -30.80 3.12
C LYS A 319 28.57 -30.49 4.57
N LYS A 320 27.85 -29.39 4.81
CA LYS A 320 27.69 -28.89 6.17
C LYS A 320 26.22 -28.66 6.57
N ILE A 321 25.39 -28.21 5.64
CA ILE A 321 24.04 -27.79 5.98
C ILE A 321 23.08 -28.95 5.75
N LYS A 322 22.35 -29.32 6.80
CA LYS A 322 21.41 -30.43 6.74
C LYS A 322 20.28 -30.12 5.77
N LYS A 323 19.68 -31.19 5.25
CA LYS A 323 18.51 -31.06 4.40
C LYS A 323 17.28 -30.69 5.22
N ASP A 324 16.32 -30.06 4.54
CA ASP A 324 14.98 -29.82 5.08
CA ASP A 324 14.98 -29.80 5.07
C ASP A 324 15.00 -28.88 6.28
N GLN A 325 15.96 -27.98 6.35
CA GLN A 325 16.04 -27.08 7.49
CA GLN A 325 16.10 -27.05 7.47
C GLN A 325 15.29 -25.78 7.20
N ARG A 326 14.69 -25.24 8.25
CA ARG A 326 14.00 -23.95 8.21
CA ARG A 326 14.00 -23.96 8.22
C ARG A 326 14.62 -23.07 9.29
N PHE A 327 15.28 -21.99 8.88
CA PHE A 327 15.93 -21.07 9.81
C PHE A 327 15.02 -19.86 10.00
N ASP A 328 14.45 -19.74 11.20
CA ASP A 328 13.39 -18.78 11.44
C ASP A 328 13.87 -17.50 12.13
N PHE A 329 15.13 -17.45 12.56
CA PHE A 329 15.62 -16.24 13.20
C PHE A 329 16.00 -15.20 12.14
N PRO A 330 15.76 -13.93 12.40
CA PRO A 330 16.07 -12.90 11.39
C PRO A 330 17.55 -12.86 11.06
N VAL A 331 17.83 -12.65 9.77
CA VAL A 331 19.18 -12.48 9.26
C VAL A 331 19.15 -11.35 8.24
N SER A 332 20.35 -10.91 7.83
CA SER A 332 20.51 -9.80 6.92
C SER A 332 21.44 -10.16 5.77
N SER A 333 21.18 -9.58 4.59
CA SER A 333 22.14 -9.70 3.50
C SER A 333 23.49 -9.10 3.87
N LEU A 334 23.54 -8.20 4.87
CA LEU A 334 24.83 -7.74 5.40
C LEU A 334 25.63 -8.87 6.01
N ASP A 335 24.98 -10.00 6.34
CA ASP A 335 25.73 -11.11 6.92
C ASP A 335 26.59 -11.82 5.88
N LEU A 336 26.33 -11.62 4.59
CA LEU A 336 27.05 -12.40 3.58
C LEU A 336 28.54 -12.07 3.59
N TYR A 337 28.90 -10.79 3.72
CA TYR A 337 30.32 -10.40 3.70
C TYR A 337 31.11 -11.10 4.81
N PRO A 338 30.80 -10.93 6.10
CA PRO A 338 31.60 -11.62 7.12
C PRO A 338 31.46 -13.13 7.09
N THR A 339 30.29 -13.65 6.71
CA THR A 339 30.15 -15.10 6.60
C THR A 339 31.07 -15.66 5.51
N PHE A 340 31.07 -15.02 4.33
CA PHE A 340 31.88 -15.51 3.22
C PHE A 340 33.37 -15.35 3.52
N THR A 341 33.78 -14.22 4.09
CA THR A 341 35.20 -14.08 4.34
C THR A 341 35.66 -15.02 5.45
N GLY A 342 34.78 -15.34 6.40
CA GLY A 342 35.11 -16.36 7.39
C GLY A 342 35.31 -17.72 6.76
N LEU A 343 34.39 -18.12 5.87
CA LEU A 343 34.52 -19.40 5.18
C LEU A 343 35.79 -19.46 4.36
N ALA A 344 36.18 -18.34 3.77
CA ALA A 344 37.38 -18.27 2.94
C ALA A 344 38.65 -18.13 3.76
N GLU A 345 38.54 -18.06 5.09
CA GLU A 345 39.69 -17.86 5.97
C GLU A 345 40.47 -16.62 5.55
N ALA A 346 39.74 -15.60 5.11
CA ALA A 346 40.34 -14.40 4.56
C ALA A 346 40.49 -13.34 5.65
N LYS A 347 41.58 -12.61 5.60
CA LYS A 347 41.78 -11.49 6.51
C LYS A 347 41.13 -10.24 5.93
N LEU A 348 40.45 -9.49 6.79
CA LEU A 348 39.85 -8.24 6.39
C LEU A 348 40.91 -7.16 6.26
N PRO A 349 40.74 -6.22 5.33
CA PRO A 349 41.64 -5.06 5.27
C PRO A 349 41.59 -4.31 6.59
N LYS A 350 42.74 -3.75 6.97
CA LYS A 350 42.81 -2.99 8.22
C LYS A 350 41.81 -1.85 8.19
N GLY A 351 41.04 -1.71 9.26
CA GLY A 351 40.08 -0.65 9.39
C GLY A 351 38.73 -0.89 8.72
N LYS A 352 38.56 -2.03 8.05
CA LYS A 352 37.28 -2.32 7.42
C LYS A 352 36.19 -2.45 8.47
N GLN A 353 35.07 -1.78 8.24
CA GLN A 353 33.92 -1.82 9.13
C GLN A 353 32.81 -2.62 8.46
N LEU A 354 32.10 -3.42 9.27
CA LEU A 354 31.04 -4.29 8.79
C LEU A 354 29.83 -4.16 9.71
N ASP A 355 28.63 -4.14 9.11
CA ASP A 355 27.40 -4.04 9.88
C ASP A 355 26.69 -5.38 10.10
N GLY A 356 27.13 -6.44 9.43
CA GLY A 356 26.52 -7.75 9.57
C GLY A 356 27.36 -8.67 10.43
N LYS A 357 26.95 -9.95 10.45
CA LYS A 357 27.55 -10.95 11.32
C LYS A 357 27.92 -12.18 10.52
N ASN A 358 28.99 -12.86 10.96
CA ASN A 358 29.30 -14.20 10.46
C ASN A 358 28.29 -15.15 11.09
N ILE A 359 27.32 -15.61 10.30
CA ILE A 359 26.19 -16.35 10.87
C ILE A 359 26.30 -17.86 10.63
N MET A 360 27.39 -18.36 10.05
CA MET A 360 27.38 -19.76 9.64
C MET A 360 27.25 -20.70 10.84
N ASP A 361 27.94 -20.40 11.96
CA ASP A 361 27.80 -21.23 13.14
CA ASP A 361 27.80 -21.22 13.15
C ASP A 361 26.36 -21.20 13.67
N ASP A 362 25.73 -20.02 13.63
CA ASP A 362 24.32 -19.93 14.04
C ASP A 362 23.43 -20.77 13.13
N VAL A 363 23.70 -20.76 11.83
CA VAL A 363 22.92 -21.59 10.91
C VAL A 363 23.11 -23.07 11.21
N LEU A 364 24.35 -23.48 11.48
CA LEU A 364 24.63 -24.88 11.73
C LEU A 364 24.07 -25.33 13.08
N LYS A 365 23.98 -24.43 14.05
CA LYS A 365 23.49 -24.78 15.38
C LYS A 365 22.05 -24.35 15.62
N ASN A 366 21.40 -23.74 14.63
CA ASN A 366 20.05 -23.21 14.75
C ASN A 366 19.93 -22.29 15.97
N THR A 367 20.83 -21.34 16.07
CA THR A 367 20.78 -20.32 17.12
C THR A 367 20.59 -18.95 16.47
N GLU A 368 20.28 -17.98 17.33
CA GLU A 368 19.73 -16.68 16.95
C GLU A 368 20.82 -15.62 16.86
N PRO A 369 21.32 -15.28 15.66
CA PRO A 369 22.46 -14.35 15.60
C PRO A 369 22.13 -12.93 16.04
N TYR A 370 20.91 -12.45 15.81
CA TYR A 370 20.53 -11.09 16.16
C TYR A 370 19.71 -11.03 17.45
N LYS A 371 19.91 -11.99 18.35
CA LYS A 371 19.23 -11.95 19.63
C LYS A 371 19.49 -10.62 20.32
N ASP A 372 18.40 -9.94 20.68
CA ASP A 372 18.45 -8.63 21.35
C ASP A 372 19.18 -7.56 20.53
N GLU A 373 19.22 -7.72 19.21
CA GLU A 373 19.83 -6.72 18.33
C GLU A 373 18.88 -6.41 17.17
N MET A 374 19.17 -5.31 16.49
CA MET A 374 18.27 -4.74 15.50
C MET A 374 18.69 -5.07 14.07
N ILE A 375 17.70 -5.26 13.22
CA ILE A 375 17.84 -5.19 11.77
C ILE A 375 16.93 -4.07 11.29
N TYR A 376 17.49 -3.18 10.46
CA TYR A 376 16.92 -1.88 10.16
C TYR A 376 16.68 -1.66 8.67
N SER A 377 15.78 -0.73 8.38
CA SER A 377 15.71 -0.11 7.07
C SER A 377 15.26 1.34 7.23
N LEU A 378 15.86 2.23 6.46
CA LEU A 378 15.38 3.60 6.38
C LEU A 378 15.44 3.99 4.91
N ARG A 379 14.30 4.42 4.38
CA ARG A 379 14.20 4.77 2.98
C ARG A 379 13.79 6.24 2.85
N TYR A 380 14.61 7.02 2.16
CA TYR A 380 14.34 8.45 2.00
C TYR A 380 13.17 8.68 1.06
N ARG A 381 12.25 9.54 1.47
CA ARG A 381 11.11 9.94 0.65
C ARG A 381 11.22 11.43 0.35
N GLU A 382 10.19 11.98 -0.29
CA GLU A 382 10.23 13.39 -0.66
C GLU A 382 9.76 14.23 0.52
N GLY A 383 10.67 14.41 1.48
CA GLY A 383 10.42 15.27 2.63
C GLY A 383 10.22 14.56 3.95
N TYR A 384 10.32 13.23 3.99
CA TYR A 384 10.21 12.45 5.21
C TYR A 384 10.92 11.13 4.96
N ASN A 385 10.97 10.27 5.98
CA ASN A 385 11.64 8.98 5.87
C ASN A 385 10.68 7.85 6.23
N ASP A 386 10.72 6.77 5.45
CA ASP A 386 10.10 5.51 5.84
C ASP A 386 11.10 4.70 6.65
N VAL A 387 10.63 4.04 7.72
CA VAL A 387 11.52 3.31 8.60
C VAL A 387 10.93 1.95 8.93
N GLY A 388 11.82 0.97 9.12
CA GLY A 388 11.46 -0.30 9.73
C GLY A 388 12.59 -0.73 10.63
N ALA A 389 12.27 -1.34 11.77
CA ALA A 389 13.31 -1.84 12.67
C ALA A 389 12.76 -3.05 13.41
N ARG A 390 13.49 -4.16 13.36
CA ARG A 390 13.04 -5.40 13.98
C ARG A 390 14.03 -5.89 15.03
N MET A 391 13.50 -6.28 16.19
CA MET A 391 14.26 -6.97 17.22
CA MET A 391 14.27 -6.99 17.20
C MET A 391 13.42 -8.14 17.69
N GLY A 392 13.93 -9.37 17.49
CA GLY A 392 13.17 -10.54 17.91
C GLY A 392 11.83 -10.60 17.20
N ASP A 393 10.77 -10.84 17.96
CA ASP A 393 9.42 -10.92 17.38
C ASP A 393 8.80 -9.57 17.07
N TRP A 394 9.48 -8.47 17.36
CA TRP A 394 8.85 -7.15 17.35
C TRP A 394 9.43 -6.28 16.25
N LYS A 395 8.56 -5.47 15.64
CA LYS A 395 8.95 -4.54 14.59
C LYS A 395 8.25 -3.21 14.80
N ILE A 396 8.99 -2.11 14.60
CA ILE A 396 8.39 -0.80 14.48
C ILE A 396 8.47 -0.38 13.02
N THR A 397 7.41 0.26 12.55
CA THR A 397 7.30 0.69 11.16
C THR A 397 6.76 2.10 11.13
N ARG A 398 7.38 2.96 10.33
CA ARG A 398 6.75 4.21 9.93
C ARG A 398 6.73 4.26 8.41
N MET A 399 5.53 4.40 7.85
CA MET A 399 5.32 4.50 6.41
C MET A 399 4.44 5.72 6.12
N GLY A 400 4.83 6.48 5.09
CA GLY A 400 4.05 7.62 4.64
C GLY A 400 4.04 8.77 5.60
N ASN A 401 4.96 8.77 6.57
CA ASN A 401 5.03 9.72 7.68
C ASN A 401 3.81 9.63 8.60
N GLU A 402 3.08 8.51 8.57
CA GLU A 402 1.97 8.28 9.48
C GLU A 402 2.46 8.00 10.90
N PRO A 403 1.55 7.90 11.87
CA PRO A 403 1.99 7.53 13.22
C PRO A 403 2.75 6.22 13.24
N TRP A 404 3.67 6.13 14.19
CA TRP A 404 4.48 4.93 14.37
C TRP A 404 3.62 3.71 14.68
N ARG A 405 4.02 2.57 14.11
CA ARG A 405 3.36 1.30 14.36
C ARG A 405 4.31 0.36 15.08
N LEU A 406 3.77 -0.43 16.00
CA LEU A 406 4.49 -1.52 16.63
C LEU A 406 3.74 -2.80 16.30
N HIS A 407 4.47 -3.78 15.77
CA HIS A 407 3.85 -5.04 15.38
C HIS A 407 4.59 -6.20 16.03
N ASN A 408 3.85 -7.20 16.47
CA ASN A 408 4.48 -8.48 16.73
C ASN A 408 4.55 -9.15 15.36
N ILE A 409 5.74 -9.11 14.74
CA ILE A 409 5.81 -9.52 13.34
C ILE A 409 5.71 -11.03 13.19
N THR A 410 5.98 -11.78 14.26
CA THR A 410 5.80 -13.23 14.20
C THR A 410 4.32 -13.60 14.20
N GLN A 411 3.53 -12.89 14.99
CA GLN A 411 2.10 -13.17 15.10
C GLN A 411 1.25 -12.34 14.14
N ASP A 412 1.84 -11.35 13.47
CA ASP A 412 1.12 -10.39 12.64
C ASP A 412 2.04 -10.03 11.47
N ILE A 413 2.33 -11.03 10.63
CA ILE A 413 3.37 -10.86 9.60
C ILE A 413 2.95 -9.81 8.58
N GLY A 414 1.64 -9.61 8.39
CA GLY A 414 1.10 -8.60 7.49
C GLY A 414 1.01 -7.20 8.04
N GLU A 415 1.50 -6.96 9.25
CA GLU A 415 1.56 -5.62 9.84
C GLU A 415 0.18 -4.95 9.84
N LYS A 416 -0.82 -5.71 10.29
CA LYS A 416 -2.20 -5.23 10.28
C LYS A 416 -2.64 -4.60 11.61
N LYS A 417 -2.02 -5.01 12.72
CA LYS A 417 -2.54 -4.69 14.06
C LYS A 417 -1.50 -3.86 14.79
N ASN A 418 -1.74 -2.55 14.86
CA ASN A 418 -0.81 -1.65 15.53
C ASN A 418 -0.96 -1.77 17.04
N LEU A 419 0.10 -2.20 17.70
CA LEU A 419 0.12 -2.39 19.15
C LEU A 419 0.85 -1.26 19.87
N ALA A 420 1.09 -0.14 19.18
CA ALA A 420 1.82 0.97 19.79
C ALA A 420 1.12 1.48 21.04
N GLY A 421 -0.21 1.46 21.05
CA GLY A 421 -0.94 1.93 22.23
C GLY A 421 -0.90 0.95 23.38
N ARG A 422 -0.75 -0.34 23.08
CA ARG A 422 -0.73 -1.36 24.12
C ARG A 422 0.64 -1.49 24.78
N TYR A 423 1.72 -1.32 24.02
CA TYR A 423 3.08 -1.46 24.56
C TYR A 423 3.91 -0.22 24.25
N PRO A 424 3.54 0.93 24.80
CA PRO A 424 4.27 2.16 24.50
C PRO A 424 5.72 2.13 24.91
N ASP A 425 6.06 1.46 26.01
CA ASP A 425 7.46 1.42 26.44
C ASP A 425 8.33 0.69 25.42
N ARG A 426 7.85 -0.45 24.90
CA ARG A 426 8.59 -1.18 23.88
C ARG A 426 8.76 -0.34 22.62
N LEU A 427 7.67 0.32 22.18
CA LEU A 427 7.76 1.20 21.02
C LEU A 427 8.86 2.24 21.20
N LYS A 428 8.88 2.90 22.35
CA LYS A 428 9.84 4.00 22.53
C LYS A 428 11.26 3.50 22.72
N GLU A 429 11.44 2.34 23.35
CA GLU A 429 12.77 1.73 23.41
C GLU A 429 13.29 1.44 22.01
N MET A 430 12.45 0.87 21.15
CA MET A 430 12.89 0.55 19.80
C MET A 430 13.14 1.81 18.98
N ILE A 431 12.32 2.85 19.18
CA ILE A 431 12.54 4.14 18.55
C ILE A 431 13.90 4.70 18.94
N ALA A 432 14.23 4.63 20.24
CA ALA A 432 15.48 5.20 20.73
C ALA A 432 16.69 4.54 20.08
N LYS A 433 16.67 3.20 19.97
CA LYS A 433 17.80 2.51 19.36
C LYS A 433 17.91 2.85 17.88
N THR A 434 16.77 2.93 17.19
CA THR A 434 16.78 3.26 15.77
C THR A 434 17.28 4.68 15.54
N GLN A 435 16.85 5.62 16.40
CA GLN A 435 17.34 6.98 16.28
C GLN A 435 18.84 7.05 16.50
N GLU A 436 19.34 6.30 17.50
CA GLU A 436 20.78 6.27 17.74
C GLU A 436 21.53 5.79 16.51
N TRP A 437 20.96 4.80 15.81
CA TRP A 437 21.56 4.28 14.59
C TRP A 437 21.75 5.39 13.56
N THR A 438 20.71 6.22 13.37
CA THR A 438 20.81 7.27 12.36
C THR A 438 21.85 8.34 12.72
N LYS A 439 22.26 8.42 13.98
CA LYS A 439 23.31 9.38 14.32
C LYS A 439 24.66 9.02 13.70
N SER A 440 24.82 7.80 13.21
CA SER A 440 26.05 7.37 12.56
C SER A 440 26.05 7.62 11.05
N PHE A 441 24.94 8.08 10.48
CA PHE A 441 24.82 8.16 9.03
C PHE A 441 25.71 9.26 8.45
N VAL A 442 26.07 9.07 7.19
CA VAL A 442 26.79 10.07 6.43
C VAL A 442 25.82 10.72 5.44
N LYS A 443 26.24 11.84 4.85
CA LYS A 443 25.45 12.44 3.80
C LYS A 443 25.50 11.59 2.53
N PRO A 444 24.41 11.53 1.78
CA PRO A 444 24.45 10.86 0.47
C PRO A 444 25.46 11.51 -0.45
N LEU A 445 26.17 10.68 -1.21
CA LEU A 445 27.10 11.20 -2.22
C LEU A 445 26.36 11.74 -3.42
N TRP A 446 25.15 11.24 -3.68
CA TRP A 446 24.27 11.75 -4.72
C TRP A 446 22.86 11.51 -4.23
N VAL A 447 21.91 12.28 -4.77
CA VAL A 447 20.50 12.02 -4.52
C VAL A 447 19.90 11.61 -5.85
N TYR A 448 18.56 11.50 -5.93
CA TYR A 448 17.95 10.98 -7.14
C TYR A 448 17.24 12.04 -7.97
N SER A 449 16.44 12.91 -7.35
CA SER A 449 15.68 13.89 -8.10
C SER A 449 16.13 15.31 -7.74
N VAL A 450 15.75 16.26 -8.59
CA VAL A 450 15.92 17.67 -8.25
C VAL A 450 15.22 18.00 -6.94
N LYS A 451 14.02 17.44 -6.74
CA LYS A 451 13.32 17.65 -5.47
C LYS A 451 14.19 17.22 -4.29
N ASP A 452 14.84 16.04 -4.40
CA ASP A 452 15.74 15.58 -3.34
C ASP A 452 16.80 16.64 -3.04
N LYS A 453 17.42 17.16 -4.08
CA LYS A 453 18.53 18.10 -3.91
C LYS A 453 18.08 19.34 -3.17
N GLU A 454 16.92 19.89 -3.56
CA GLU A 454 16.39 21.06 -2.86
C GLU A 454 16.13 20.75 -1.39
N LEU A 455 15.57 19.57 -1.11
CA LEU A 455 15.22 19.24 0.26
C LEU A 455 16.45 19.05 1.13
N TRP A 456 17.48 18.38 0.62
CA TRP A 456 18.70 18.21 1.41
C TRP A 456 19.40 19.55 1.60
N GLU A 457 19.35 20.41 0.59
CA GLU A 457 20.06 21.69 0.68
C GLU A 457 19.36 22.68 1.60
N SER A 458 18.07 22.49 1.89
CA SER A 458 17.36 23.32 2.86
C SER A 458 17.38 22.74 4.26
N GLY A 459 17.77 21.48 4.43
CA GLY A 459 17.64 20.83 5.72
C GLY A 459 16.30 20.20 5.95
N GLN A 460 15.37 20.33 5.00
CA GLN A 460 14.09 19.63 5.12
C GLN A 460 14.27 18.12 5.07
N MET A 461 15.28 17.66 4.35
CA MET A 461 15.81 16.32 4.46
C MET A 461 17.21 16.38 5.06
N PRO A 462 17.60 15.39 5.87
CA PRO A 462 16.82 14.20 6.22
C PRO A 462 15.89 14.38 7.40
N ASN A 463 16.13 15.39 8.25
CA ASN A 463 15.34 15.66 9.44
C ASN A 463 15.00 14.37 10.21
N TYR A 464 16.06 13.67 10.62
CA TYR A 464 15.85 12.46 11.42
C TYR A 464 15.07 12.76 12.69
N GLU A 465 15.26 13.95 13.27
CA GLU A 465 14.58 14.30 14.51
C GLU A 465 13.07 14.18 14.37
N ALA A 466 12.52 14.72 13.27
CA ALA A 466 11.09 14.63 13.03
C ALA A 466 10.66 13.18 12.79
N THR A 467 11.51 12.39 12.14
CA THR A 467 11.16 11.00 11.88
C THR A 467 10.86 10.25 13.17
N PHE A 468 11.58 10.56 14.25
CA PHE A 468 11.43 9.82 15.50
C PHE A 468 10.52 10.53 16.52
N GLU A 469 9.76 11.53 16.07
CA GLU A 469 8.62 11.99 16.85
C GLU A 469 7.63 10.84 17.04
N VAL A 470 6.96 10.83 18.20
CA VAL A 470 5.99 9.77 18.49
C VAL A 470 4.68 10.36 19.00
N ASP A 471 4.71 11.00 20.18
CA ASP A 471 3.46 11.38 20.84
C ASP A 471 2.66 12.38 20.03
N LYS A 472 3.33 13.37 19.43
CA LYS A 472 2.60 14.42 18.73
C LYS A 472 1.88 13.90 17.50
N LEU A 473 2.23 12.69 17.03
CA LEU A 473 1.56 12.13 15.87
C LEU A 473 0.20 11.56 16.22
N VAL A 474 -0.05 11.26 17.50
CA VAL A 474 -1.29 10.63 17.93
C VAL A 474 -2.09 11.47 18.92
N ASP A 475 -1.46 12.44 19.59
CA ASP A 475 -2.18 13.27 20.55
C ASP A 475 -3.06 14.28 19.85
N SER A 476 -4.24 14.55 20.45
CA SER A 476 -5.11 15.63 20.00
C SER A 476 -4.65 16.95 20.60
N PRO A 477 -4.66 18.03 19.81
CA PRO A 477 -4.35 19.35 20.38
C PRO A 477 -5.47 19.93 21.23
N TYR A 478 -6.62 19.26 21.28
CA TYR A 478 -7.78 19.76 22.01
C TYR A 478 -8.05 18.98 23.28
N HIS A 479 -7.24 17.98 23.59
CA HIS A 479 -7.41 17.15 24.78
C HIS A 479 -6.16 17.18 25.64
N GLU B 14 -49.77 13.42 -3.45
CA GLU B 14 -48.35 13.23 -3.16
C GLU B 14 -47.73 12.17 -4.05
N THR B 15 -46.80 12.58 -4.91
CA THR B 15 -46.14 11.69 -5.84
C THR B 15 -44.66 11.51 -5.58
N ARG B 16 -44.08 12.30 -4.68
CA ARG B 16 -42.63 12.31 -4.54
C ARG B 16 -42.17 11.02 -3.88
N PRO B 17 -41.01 10.49 -4.27
CA PRO B 17 -40.56 9.20 -3.74
C PRO B 17 -39.99 9.29 -2.34
N ASN B 18 -40.17 8.22 -1.58
CA ASN B 18 -39.36 8.05 -0.38
C ASN B 18 -37.90 7.87 -0.78
N ILE B 19 -37.01 8.21 0.14
CA ILE B 19 -35.57 8.10 -0.08
C ILE B 19 -34.95 7.43 1.14
N LEU B 20 -34.31 6.29 0.90
CA LEU B 20 -33.61 5.56 1.96
C LEU B 20 -32.14 5.48 1.56
N VAL B 21 -31.28 6.07 2.36
CA VAL B 21 -29.84 5.95 2.19
C VAL B 21 -29.37 4.88 3.16
N VAL B 22 -28.81 3.80 2.63
CA VAL B 22 -28.17 2.78 3.45
C VAL B 22 -26.66 3.00 3.29
N LEU B 23 -26.03 3.53 4.33
CA LEU B 23 -24.62 3.90 4.29
C LEU B 23 -23.86 3.01 5.25
N CYS B 24 -22.99 2.17 4.70
CA CYS B 24 -22.09 1.37 5.52
C CYS B 24 -20.80 2.14 5.80
N ASP B 25 -20.05 1.65 6.77
CA ASP B 25 -18.88 2.33 7.33
C ASP B 25 -17.65 1.46 7.09
N ASP B 26 -16.75 1.90 6.20
CA ASP B 26 -15.52 1.15 5.87
C ASP B 26 -15.81 -0.17 5.17
N LEU B 27 -16.87 -0.23 4.34
CA LEU B 27 -17.15 -1.44 3.56
C LEU B 27 -16.23 -1.52 2.34
N GLY B 28 -15.52 -2.63 2.22
CA GLY B 28 -14.57 -2.79 1.12
C GLY B 28 -15.22 -3.02 -0.23
N TYR B 29 -14.46 -2.72 -1.28
CA TYR B 29 -14.99 -2.72 -2.64
C TYR B 29 -15.45 -4.10 -3.08
N ALA B 30 -14.78 -5.16 -2.61
CA ALA B 30 -15.10 -6.51 -3.04
C ALA B 30 -15.85 -7.28 -1.97
N ASP B 31 -16.60 -6.59 -1.13
CA ASP B 31 -17.17 -7.21 0.07
C ASP B 31 -18.69 -7.25 0.05
N VAL B 32 -19.30 -7.01 -1.10
CA VAL B 32 -20.70 -7.32 -1.33
C VAL B 32 -20.77 -8.12 -2.62
N GLY B 33 -21.74 -9.03 -2.70
CA GLY B 33 -21.81 -9.93 -3.85
C GLY B 33 -21.93 -9.17 -5.17
N PHE B 34 -22.74 -8.12 -5.20
CA PHE B 34 -23.03 -7.46 -6.47
C PHE B 34 -21.84 -6.69 -6.99
N ASN B 35 -20.84 -6.43 -6.14
CA ASN B 35 -19.63 -5.74 -6.56
C ASN B 35 -18.42 -6.68 -6.63
N GLY B 36 -18.65 -7.99 -6.64
CA GLY B 36 -17.61 -8.96 -6.94
C GLY B 36 -17.24 -9.89 -5.81
N SER B 37 -17.83 -9.79 -4.63
CA SER B 37 -17.41 -10.67 -3.55
C SER B 37 -17.67 -12.12 -3.90
N THR B 38 -16.67 -12.97 -3.65
CA THR B 38 -16.81 -14.40 -3.82
C THR B 38 -17.02 -15.13 -2.51
N ASP B 39 -16.81 -14.48 -1.37
CA ASP B 39 -16.92 -15.15 -0.08
C ASP B 39 -17.90 -14.50 0.89
N ILE B 40 -18.18 -13.21 0.78
CA ILE B 40 -19.17 -12.60 1.64
C ILE B 40 -20.53 -12.68 0.95
N LEU B 41 -21.52 -13.15 1.68
CA LEU B 41 -22.85 -13.41 1.13
C LEU B 41 -23.77 -12.26 1.49
N THR B 42 -24.33 -11.61 0.48
CA THR B 42 -25.23 -10.47 0.67
C THR B 42 -26.44 -10.63 -0.24
N PRO B 43 -27.26 -11.66 -0.01
CA PRO B 43 -28.35 -11.94 -0.96
C PRO B 43 -29.38 -10.83 -1.07
N GLU B 44 -29.72 -10.16 0.04
CA GLU B 44 -30.75 -9.12 -0.04
C GLU B 44 -30.23 -7.89 -0.76
N LEU B 45 -29.00 -7.46 -0.46
CA LEU B 45 -28.41 -6.34 -1.18
C LEU B 45 -28.23 -6.68 -2.66
N ASP B 46 -27.79 -7.91 -2.95
CA ASP B 46 -27.62 -8.32 -4.34
C ASP B 46 -28.94 -8.28 -5.09
N ASN B 47 -30.03 -8.72 -4.44
CA ASN B 47 -31.30 -8.70 -5.14
C ASN B 47 -31.75 -7.28 -5.46
N LEU B 48 -31.51 -6.34 -4.53
CA LEU B 48 -31.82 -4.94 -4.82
C LEU B 48 -30.96 -4.41 -5.96
N ALA B 49 -29.65 -4.63 -5.87
CA ALA B 49 -28.73 -4.18 -6.92
C ALA B 49 -29.13 -4.74 -8.28
N GLN B 50 -29.43 -6.04 -8.35
CA GLN B 50 -29.79 -6.65 -9.62
C GLN B 50 -31.08 -6.08 -10.18
N ASN B 51 -31.97 -5.60 -9.31
CA ASN B 51 -33.24 -5.02 -9.73
C ASN B 51 -33.17 -3.50 -9.85
N GLY B 52 -31.96 -2.95 -9.89
CA GLY B 52 -31.76 -1.53 -10.09
C GLY B 52 -30.50 -1.26 -10.88
N SER B 53 -29.80 -0.19 -10.54
CA SER B 53 -28.61 0.23 -11.26
C SER B 53 -27.40 0.14 -10.36
N ILE B 54 -26.39 -0.62 -10.79
CA ILE B 54 -25.12 -0.75 -10.08
C ILE B 54 -24.15 0.26 -10.65
N PHE B 55 -23.52 1.06 -9.78
CA PHE B 55 -22.58 2.10 -10.20
C PHE B 55 -21.17 1.56 -10.08
N THR B 56 -20.51 1.38 -11.22
CA THR B 56 -19.19 0.75 -11.22
C THR B 56 -18.06 1.73 -11.01
N SER B 57 -18.34 3.05 -11.07
CA SER B 57 -17.34 4.09 -10.79
C SER B 57 -17.95 5.13 -9.85
N ALA B 58 -18.32 4.70 -8.65
CA ALA B 58 -18.92 5.58 -7.65
C ALA B 58 -17.84 6.05 -6.67
N TYR B 59 -17.79 7.36 -6.41
CA TYR B 59 -16.77 7.93 -5.54
C TYR B 59 -17.40 8.69 -4.38
N VAL B 60 -16.78 8.56 -3.20
CA VAL B 60 -17.08 9.47 -2.11
C VAL B 60 -16.09 10.64 -2.12
N ALA B 61 -16.46 11.72 -1.43
CA ALA B 61 -15.73 12.98 -1.56
C ALA B 61 -14.46 13.02 -0.73
N HIS B 62 -14.22 12.02 0.11
CA HIS B 62 -13.02 11.95 0.93
C HIS B 62 -12.80 10.49 1.31
N PRO B 63 -11.55 10.05 1.47
CA PRO B 63 -11.34 8.62 1.72
C PRO B 63 -11.44 8.20 3.19
N PHE B 64 -12.05 9.02 4.06
CA PHE B 64 -12.45 8.51 5.37
C PHE B 64 -13.63 9.29 5.96
N OSE B 65 -14.20 8.76 7.05
CA OSE B 65 -15.63 8.95 7.39
CB OSE B 65 -16.02 8.16 8.61
OG OSE B 65 -14.97 8.39 9.49
C OSE B 65 -16.05 10.39 7.63
O OSE B 65 -17.02 10.77 7.01
S OSE B 65 -14.04 7.18 9.66
O1S OSE B 65 -12.71 7.73 9.85
O2S OSE B 65 -14.58 6.54 10.84
O3S OSE B 65 -14.14 6.38 8.48
N GLY B 66 -15.45 11.10 8.59
CA GLY B 66 -16.00 12.41 8.96
C GLY B 66 -16.19 13.35 7.78
N PRO B 67 -15.10 13.60 7.03
CA PRO B 67 -15.21 14.46 5.85
C PRO B 67 -16.10 13.88 4.77
N SER B 68 -16.12 12.56 4.61
CA SER B 68 -17.04 11.96 3.65
C SER B 68 -18.49 12.19 4.05
N ARG B 69 -18.81 11.98 5.33
CA ARG B 69 -20.17 12.16 5.79
C ARG B 69 -20.57 13.63 5.76
N SER B 70 -19.64 14.51 6.11
CA SER B 70 -19.93 15.94 5.97
CA SER B 70 -19.91 15.95 5.95
C SER B 70 -20.27 16.28 4.52
N ALA B 71 -19.54 15.70 3.56
CA ALA B 71 -19.81 15.96 2.15
C ALA B 71 -21.17 15.43 1.72
N ILE B 72 -21.55 14.25 2.22
CA ILE B 72 -22.84 13.67 1.86
C ILE B 72 -23.96 14.60 2.31
N LEU B 73 -23.91 15.06 3.57
CA LEU B 73 -25.05 15.82 4.08
C LEU B 73 -25.00 17.29 3.67
N THR B 74 -23.80 17.88 3.49
CA THR B 74 -23.73 19.27 3.02
C THR B 74 -23.74 19.40 1.51
N GLY B 75 -23.40 18.33 0.78
CA GLY B 75 -23.27 18.46 -0.64
C GLY B 75 -22.05 19.21 -1.11
N ARG B 76 -21.07 19.44 -0.25
CA ARG B 76 -19.85 20.14 -0.62
CA ARG B 76 -19.85 20.15 -0.62
C ARG B 76 -18.61 19.35 -0.21
N TYR B 77 -17.54 19.51 -0.98
CA TYR B 77 -16.27 18.92 -0.58
C TYR B 77 -15.89 19.44 0.79
N PRO B 78 -15.29 18.60 1.64
CA PRO B 78 -14.98 19.05 3.02
C PRO B 78 -13.91 20.13 3.05
N HIS B 79 -13.12 20.27 1.98
CA HIS B 79 -12.13 21.32 1.86
C HIS B 79 -12.77 22.69 1.68
N LEU B 80 -14.05 22.74 1.32
CA LEU B 80 -14.77 23.99 1.20
C LEU B 80 -15.54 24.36 2.46
N THR B 81 -15.77 23.40 3.35
CA THR B 81 -16.53 23.61 4.57
C THR B 81 -15.66 23.57 5.83
N GLY B 82 -14.36 23.33 5.67
CA GLY B 82 -13.47 23.31 6.81
C GLY B 82 -13.46 22.01 7.60
N THR B 83 -13.95 20.92 7.00
CA THR B 83 -14.25 19.70 7.74
C THR B 83 -13.50 18.50 7.17
N ALA B 84 -12.28 18.71 6.66
CA ALA B 84 -11.52 17.65 6.01
C ALA B 84 -10.67 16.82 6.97
N TYR B 85 -10.73 17.07 8.28
CA TYR B 85 -10.19 16.16 9.27
C TYR B 85 -11.32 15.58 10.11
N ASN B 86 -11.11 14.37 10.63
CA ASN B 86 -12.04 13.79 11.59
C ASN B 86 -12.07 14.60 12.87
N LEU B 87 -13.24 14.65 13.49
CA LEU B 87 -13.29 15.03 14.90
C LEU B 87 -12.62 13.93 15.71
N PHE B 88 -11.90 14.34 16.76
CA PHE B 88 -11.25 13.37 17.64
C PHE B 88 -12.30 12.62 18.46
N HIS B 89 -11.91 11.47 18.99
CA HIS B 89 -12.82 10.76 19.88
C HIS B 89 -13.14 11.66 21.07
N ASN B 90 -14.39 11.58 21.53
CA ASN B 90 -14.88 12.39 22.65
C ASN B 90 -14.67 13.90 22.40
N SER B 91 -14.90 14.33 21.16
CA SER B 91 -14.76 15.75 20.84
C SER B 91 -15.79 16.57 21.60
N SER B 92 -15.51 17.88 21.70
CA SER B 92 -16.21 18.73 22.66
C SER B 92 -17.71 18.75 22.42
N GLU B 93 -18.47 18.60 23.51
CA GLU B 93 -19.91 18.66 23.47
C GLU B 93 -20.44 20.03 23.85
N ASP B 94 -19.58 21.04 23.89
CA ASP B 94 -19.96 22.42 24.20
C ASP B 94 -20.05 23.22 22.90
N ASP B 95 -21.22 23.82 22.66
CA ASP B 95 -21.42 24.67 21.48
C ASP B 95 -20.29 25.68 21.30
N LYS B 96 -19.75 26.20 22.41
CA LYS B 96 -18.75 27.28 22.32
C LYS B 96 -17.50 26.83 21.58
N ASP B 97 -17.21 25.53 21.57
CA ASP B 97 -15.98 25.03 20.95
C ASP B 97 -16.14 24.75 19.46
N ASN B 98 -17.36 24.74 18.94
CA ASN B 98 -17.62 24.68 17.49
C ASN B 98 -16.94 23.47 16.83
N MET B 99 -16.97 22.33 17.52
CA MET B 99 -16.37 21.09 17.01
C MET B 99 -17.47 20.31 16.29
N GLY B 100 -17.76 20.75 15.06
CA GLY B 100 -18.84 20.16 14.29
C GLY B 100 -18.96 20.88 12.97
N VAL B 101 -19.72 20.27 12.06
CA VAL B 101 -19.87 20.85 10.73
C VAL B 101 -20.59 22.19 10.84
N PRO B 102 -20.08 23.27 10.20
CA PRO B 102 -20.72 24.59 10.32
C PRO B 102 -22.24 24.57 10.21
N VAL B 103 -22.92 25.18 11.18
CA VAL B 103 -24.38 25.15 11.20
C VAL B 103 -24.98 25.94 10.04
N GLU B 104 -24.21 26.85 9.43
CA GLU B 104 -24.71 27.62 8.31
C GLU B 104 -24.77 26.79 7.02
N GLU B 105 -24.06 25.65 6.98
CA GLU B 105 -24.00 24.84 5.77
C GLU B 105 -25.17 23.86 5.80
N THR B 106 -26.32 24.29 5.24
CA THR B 106 -27.58 23.56 5.41
C THR B 106 -27.51 22.14 4.86
N TYR B 107 -27.91 21.18 5.70
CA TYR B 107 -27.95 19.77 5.31
C TYR B 107 -29.15 19.47 4.42
N MET B 108 -28.98 18.48 3.53
CA MET B 108 -30.11 18.09 2.70
C MET B 108 -31.26 17.55 3.52
N SER B 109 -30.98 17.03 4.72
CA SER B 109 -32.07 16.60 5.61
C SER B 109 -33.01 17.75 5.94
N LYS B 110 -32.45 18.92 6.28
CA LYS B 110 -33.28 20.08 6.59
C LYS B 110 -34.03 20.56 5.36
N VAL B 111 -33.39 20.55 4.19
CA VAL B 111 -34.08 20.96 2.97
C VAL B 111 -35.28 20.05 2.71
N LEU B 112 -35.08 18.74 2.86
CA LEU B 112 -36.17 17.79 2.65
C LEU B 112 -37.24 17.94 3.71
N GLN B 113 -36.83 18.14 4.97
CA GLN B 113 -37.79 18.34 6.05
C GLN B 113 -38.66 19.57 5.77
N ASN B 114 -38.03 20.67 5.33
CA ASN B 114 -38.78 21.87 4.98
C ASN B 114 -39.69 21.65 3.78
N ALA B 115 -39.41 20.66 2.94
CA ALA B 115 -40.23 20.31 1.80
C ALA B 115 -41.33 19.31 2.14
N GLY B 116 -41.50 18.99 3.41
CA GLY B 116 -42.57 18.12 3.83
C GLY B 116 -42.21 16.66 4.00
N TYR B 117 -40.93 16.30 3.92
CA TYR B 117 -40.51 14.93 4.17
C TYR B 117 -40.46 14.65 5.67
N TYR B 118 -40.81 13.42 6.04
CA TYR B 118 -40.51 12.92 7.38
C TYR B 118 -39.08 12.40 7.38
N THR B 119 -38.24 12.93 8.27
CA THR B 119 -36.81 12.69 8.20
C THR B 119 -36.32 11.93 9.43
N SER B 120 -35.42 10.98 9.20
CA SER B 120 -34.94 10.08 10.25
C SER B 120 -33.47 9.79 10.00
N ALA B 121 -32.65 9.87 11.05
CA ALA B 121 -31.25 9.47 11.02
C ALA B 121 -31.04 8.36 12.02
N ILE B 122 -30.31 7.33 11.61
CA ILE B 122 -30.13 6.13 12.43
C ILE B 122 -28.66 5.76 12.38
N GLY B 123 -28.07 5.46 13.53
CA GLY B 123 -26.73 4.91 13.59
C GLY B 123 -25.67 5.99 13.84
N LYS B 124 -24.62 5.97 13.03
CA LYS B 124 -23.45 6.82 13.24
C LYS B 124 -23.68 8.24 12.73
N TRP B 125 -23.20 9.23 13.49
CA TRP B 125 -23.28 10.63 13.08
C TRP B 125 -21.91 11.15 12.66
N HIS B 126 -21.04 11.48 13.62
CA HIS B 126 -19.65 11.90 13.39
C HIS B 126 -19.57 13.30 12.80
N LEU B 127 -20.60 14.13 13.01
CA LEU B 127 -20.65 15.48 12.45
C LEU B 127 -20.74 16.54 13.53
N GLY B 128 -20.43 16.19 14.77
CA GLY B 128 -20.45 17.15 15.86
C GLY B 128 -21.26 16.63 17.03
N ALA B 129 -20.71 16.71 18.23
CA ALA B 129 -21.32 16.14 19.42
C ALA B 129 -21.89 17.19 20.37
N ALA B 130 -21.79 18.46 20.03
CA ALA B 130 -22.40 19.55 20.79
C ALA B 130 -23.83 19.77 20.31
N PRO B 131 -24.68 20.36 21.16
CA PRO B 131 -26.11 20.50 20.81
C PRO B 131 -26.41 21.15 19.46
N LYS B 132 -25.69 22.21 19.07
CA LYS B 132 -26.02 22.88 17.81
C LYS B 132 -25.75 22.01 16.60
N PHE B 133 -24.97 20.93 16.77
CA PHE B 133 -24.67 20.00 15.69
C PHE B 133 -25.56 18.77 15.69
N HIS B 134 -26.51 18.69 16.61
CA HIS B 134 -27.27 17.47 16.81
C HIS B 134 -28.18 17.20 15.62
N PRO B 135 -28.40 15.93 15.25
CA PRO B 135 -29.34 15.61 14.17
C PRO B 135 -30.67 16.34 14.27
N ASN B 136 -31.27 16.41 15.46
CA ASN B 136 -32.58 17.05 15.58
C ASN B 136 -32.53 18.54 15.24
N LYS B 137 -31.37 19.17 15.37
CA LYS B 137 -31.16 20.55 14.94
C LYS B 137 -30.78 20.66 13.48
N ARG B 138 -30.46 19.56 12.81
CA ARG B 138 -29.95 19.56 11.44
C ARG B 138 -30.95 18.92 10.47
N GLY B 139 -32.24 19.01 10.77
CA GLY B 139 -33.26 18.58 9.82
C GLY B 139 -33.79 17.17 9.99
N PHE B 140 -33.49 16.49 11.09
CA PHE B 140 -33.98 15.14 11.32
C PHE B 140 -35.06 15.16 12.40
N ASP B 141 -36.28 14.76 12.02
CA ASP B 141 -37.36 14.60 13.00
C ASP B 141 -37.01 13.58 14.08
N ASP B 142 -36.34 12.49 13.69
CA ASP B 142 -35.97 11.44 14.62
C ASP B 142 -34.48 11.13 14.47
N PHE B 143 -33.83 10.84 15.58
CA PHE B 143 -32.46 10.34 15.59
C PHE B 143 -32.38 9.19 16.59
N TYR B 144 -31.80 8.07 16.14
CA TYR B 144 -31.51 6.94 17.00
C TYR B 144 -30.09 6.48 16.68
N GLY B 145 -29.17 6.63 17.62
CA GLY B 145 -27.81 6.20 17.34
C GLY B 145 -26.81 6.85 18.28
N PHE B 146 -25.62 7.11 17.74
CA PHE B 146 -24.52 7.67 18.53
C PHE B 146 -23.86 8.81 17.77
N LEU B 147 -23.33 9.78 18.53
CA LEU B 147 -22.89 11.02 17.91
C LEU B 147 -21.47 10.97 17.35
N GLY B 148 -20.62 10.07 17.85
CA GLY B 148 -19.20 10.03 17.49
C GLY B 148 -18.89 9.11 16.33
N GLY B 149 -17.65 8.60 16.31
CA GLY B 149 -17.14 7.92 15.12
C GLY B 149 -17.24 6.41 15.10
N GLY B 150 -17.65 5.81 16.21
CA GLY B 150 -17.81 4.36 16.23
C GLY B 150 -18.46 3.91 17.52
N HIS B 151 -18.75 2.61 17.58
CA HIS B 151 -19.40 2.09 18.77
C HIS B 151 -19.21 0.58 18.86
N ASP B 152 -19.03 0.07 20.08
CA ASP B 152 -19.08 -1.37 20.28
C ASP B 152 -20.49 -1.89 19.98
N TYR B 153 -20.56 -3.16 19.58
CA TYR B 153 -21.76 -3.70 18.95
C TYR B 153 -22.72 -4.41 19.89
N PHE B 154 -22.28 -4.85 21.08
CA PHE B 154 -23.16 -5.64 21.92
C PHE B 154 -23.51 -4.88 23.19
N PRO B 155 -24.78 -4.48 23.37
CA PRO B 155 -25.15 -3.69 24.56
C PRO B 155 -24.84 -4.40 25.86
N SER B 156 -25.03 -5.71 25.92
CA SER B 156 -24.68 -6.45 27.14
C SER B 156 -23.21 -6.29 27.51
N GLU B 157 -22.36 -6.03 26.51
CA GLU B 157 -20.93 -5.82 26.76
C GLU B 157 -20.61 -4.35 27.04
N TYR B 158 -21.06 -3.42 26.19
CA TYR B 158 -20.62 -2.05 26.37
C TYR B 158 -21.35 -1.35 27.51
N GLN B 159 -22.60 -1.72 27.78
CA GLN B 159 -23.29 -1.15 28.93
C GLN B 159 -22.63 -1.59 30.23
N LYS B 160 -22.10 -2.82 30.28
CA LYS B 160 -21.39 -3.28 31.45
C LYS B 160 -20.09 -2.51 31.65
N THR B 161 -19.33 -2.33 30.55
CA THR B 161 -18.08 -1.58 30.63
C THR B 161 -18.33 -0.13 31.00
N TYR B 162 -19.32 0.50 30.37
CA TYR B 162 -19.61 1.89 30.66
C TYR B 162 -19.95 2.11 32.13
N LYS B 163 -20.86 1.29 32.66
CA LYS B 163 -21.27 1.44 34.06
C LYS B 163 -20.09 1.20 35.00
N ALA B 164 -19.24 0.20 34.68
CA ALA B 164 -18.12 -0.10 35.55
C ALA B 164 -17.07 1.01 35.54
N GLN B 165 -16.76 1.54 34.35
CA GLN B 165 -15.75 2.59 34.27
C GLN B 165 -16.24 3.89 34.90
N LYS B 166 -17.54 4.14 34.86
CA LYS B 166 -18.09 5.29 35.57
C LYS B 166 -17.92 5.14 37.07
N LYS B 167 -18.20 3.95 37.61
CA LYS B 167 -17.98 3.70 39.03
C LYS B 167 -16.50 3.75 39.38
N ALA B 168 -15.63 3.28 38.47
CA ALA B 168 -14.21 3.39 38.71
C ALA B 168 -13.70 4.83 38.63
N GLY B 169 -14.57 5.79 38.40
CA GLY B 169 -14.16 7.19 38.30
C GLY B 169 -13.27 7.47 37.11
N ASN B 170 -13.43 6.72 36.03
CA ASN B 170 -12.62 6.92 34.84
C ASN B 170 -12.94 8.29 34.23
N PRO B 171 -11.96 9.19 34.11
CA PRO B 171 -12.24 10.48 33.46
C PRO B 171 -12.14 10.43 31.94
N ASN B 172 -11.62 9.34 31.37
CA ASN B 172 -11.46 9.24 29.93
C ASN B 172 -12.22 8.03 29.39
N ILE B 173 -13.52 7.95 29.65
CA ILE B 173 -14.32 6.85 29.11
C ILE B 173 -14.49 7.04 27.61
N ARG B 174 -14.14 6.01 26.85
CA ARG B 174 -14.23 6.09 25.39
C ARG B 174 -15.68 6.19 24.94
N ASP B 175 -15.93 7.04 23.93
CA ASP B 175 -17.30 7.20 23.48
C ASP B 175 -17.83 5.94 22.78
N TYR B 176 -16.98 4.97 22.47
CA TYR B 176 -17.43 3.71 21.88
C TYR B 176 -18.32 2.90 22.82
N VAL B 177 -18.28 3.18 24.13
CA VAL B 177 -19.13 2.47 25.07
C VAL B 177 -20.21 3.36 25.68
N PHE B 178 -20.30 4.63 25.28
CA PHE B 178 -21.36 5.50 25.78
C PHE B 178 -22.72 4.91 25.43
N PRO B 179 -23.73 5.11 26.27
CA PRO B 179 -25.09 4.74 25.87
C PRO B 179 -25.48 5.49 24.60
N MET B 180 -26.18 4.79 23.70
CA MET B 180 -26.75 5.44 22.54
C MET B 180 -27.97 6.26 22.94
N GLU B 181 -28.51 7.02 21.99
CA GLU B 181 -29.59 7.93 22.32
C GLU B 181 -30.71 7.83 21.30
N HIS B 182 -31.89 8.27 21.73
CA HIS B 182 -33.06 8.44 20.88
C HIS B 182 -33.58 9.84 21.12
N ASN B 183 -33.34 10.76 20.19
CA ASN B 183 -33.76 12.16 20.33
C ASN B 183 -33.31 12.75 21.66
N GLY B 184 -32.05 12.54 22.01
CA GLY B 184 -31.47 13.09 23.22
C GLY B 184 -31.73 12.29 24.49
N LYS B 185 -32.56 11.26 24.44
CA LYS B 185 -32.85 10.40 25.59
C LYS B 185 -32.10 9.09 25.47
N PRO B 186 -31.89 8.37 26.59
CA PRO B 186 -31.22 7.07 26.50
C PRO B 186 -31.94 6.11 25.58
N ALA B 187 -31.17 5.41 24.74
CA ALA B 187 -31.78 4.47 23.79
C ALA B 187 -32.19 3.15 24.44
N ASN B 188 -31.49 2.73 25.50
CA ASN B 188 -31.73 1.44 26.14
C ASN B 188 -31.73 0.29 25.13
N GLU B 189 -30.72 0.29 24.26
CA GLU B 189 -30.64 -0.75 23.24
C GLU B 189 -30.43 -2.11 23.90
N THR B 190 -31.10 -3.12 23.34
CA THR B 190 -30.97 -4.50 23.83
C THR B 190 -30.44 -5.47 22.79
N GLU B 191 -30.31 -5.07 21.54
CA GLU B 191 -29.87 -5.96 20.49
C GLU B 191 -28.47 -5.57 20.01
N TYR B 192 -27.77 -6.54 19.45
CA TYR B 192 -26.66 -6.25 18.55
C TYR B 192 -27.00 -5.03 17.70
N ILE B 193 -26.15 -4.00 17.74
CA ILE B 193 -26.66 -2.68 17.37
C ILE B 193 -27.01 -2.62 15.89
N THR B 194 -26.37 -3.43 15.04
CA THR B 194 -26.81 -3.49 13.64
C THR B 194 -28.28 -3.92 13.56
N ASP B 195 -28.67 -4.94 14.34
CA ASP B 195 -30.07 -5.34 14.38
C ASP B 195 -30.94 -4.24 14.96
N GLY B 196 -30.44 -3.53 15.98
CA GLY B 196 -31.20 -2.41 16.53
C GLY B 196 -31.42 -1.30 15.52
N PHE B 197 -30.38 -0.97 14.74
CA PHE B 197 -30.55 0.05 13.71
C PHE B 197 -31.55 -0.39 12.65
N SER B 198 -31.51 -1.67 12.26
CA SER B 198 -32.48 -2.19 11.29
C SER B 198 -33.90 -2.08 11.85
N ARG B 199 -34.06 -2.44 13.13
CA ARG B 199 -35.35 -2.34 13.79
C ARG B 199 -35.88 -0.90 13.76
N GLU B 200 -35.00 0.07 14.03
CA GLU B 200 -35.43 1.46 14.05
C GLU B 200 -35.76 1.97 12.65
N ALA B 201 -35.08 1.44 11.63
CA ALA B 201 -35.42 1.82 10.26
C ALA B 201 -36.81 1.33 9.91
N ILE B 202 -37.12 0.09 10.30
CA ILE B 202 -38.46 -0.46 10.07
C ILE B 202 -39.51 0.38 10.79
N LYS B 203 -39.24 0.76 12.03
CA LYS B 203 -40.18 1.60 12.77
C LYS B 203 -40.43 2.92 12.06
N ASN B 204 -39.36 3.58 11.62
CA ASN B 204 -39.52 4.88 11.00
C ASN B 204 -40.21 4.80 9.64
N ILE B 205 -40.01 3.71 8.90
CA ILE B 205 -40.78 3.47 7.67
C ILE B 205 -42.27 3.39 8.00
N LYS B 206 -42.62 2.66 9.07
CA LYS B 206 -44.03 2.54 9.45
C LYS B 206 -44.59 3.86 9.94
N ILE B 207 -43.79 4.69 10.61
CA ILE B 207 -44.25 6.01 11.04
C ILE B 207 -44.60 6.86 9.82
N ALA B 208 -43.70 6.88 8.84
CA ALA B 208 -43.95 7.68 7.64
C ALA B 208 -45.18 7.16 6.90
N ALA B 209 -45.36 5.83 6.87
CA ALA B 209 -46.54 5.28 6.21
C ALA B 209 -47.82 5.73 6.92
N ALA B 210 -47.80 5.76 8.25
CA ALA B 210 -48.97 6.21 8.99
C ALA B 210 -49.21 7.70 8.80
N LYS B 211 -48.13 8.49 8.70
CA LYS B 211 -48.26 9.92 8.47
C LYS B 211 -48.67 10.24 7.03
N LYS B 212 -48.57 9.28 6.13
CA LYS B 212 -48.79 9.49 4.70
C LYS B 212 -47.94 10.65 4.19
N GLN B 213 -46.65 10.60 4.55
CA GLN B 213 -45.61 11.57 4.30
C GLN B 213 -44.45 10.84 3.62
N PRO B 214 -43.88 11.39 2.56
CA PRO B 214 -42.64 10.81 2.02
C PRO B 214 -41.56 10.83 3.11
N PHE B 215 -40.75 9.78 3.15
CA PHE B 215 -39.68 9.75 4.14
C PHE B 215 -38.32 9.96 3.50
N PHE B 216 -37.42 10.54 4.29
CA PHE B 216 -35.98 10.49 4.06
C PHE B 216 -35.35 9.82 5.26
N ILE B 217 -34.75 8.65 5.06
CA ILE B 217 -34.12 7.92 6.16
C ILE B 217 -32.64 7.78 5.84
N TYR B 218 -31.80 8.28 6.73
CA TYR B 218 -30.35 8.21 6.63
C TYR B 218 -29.92 7.10 7.57
N LEU B 219 -29.74 5.89 7.04
CA LEU B 219 -29.45 4.71 7.85
C LEU B 219 -27.94 4.47 7.81
N ALA B 220 -27.25 4.93 8.84
CA ALA B 220 -25.79 4.98 8.85
C ALA B 220 -25.27 3.86 9.75
N TYR B 221 -25.30 2.64 9.23
CA TYR B 221 -24.74 1.51 9.96
C TYR B 221 -23.28 1.77 10.29
N ASN B 222 -22.86 1.43 11.52
CA ASN B 222 -21.43 1.46 11.73
C ASN B 222 -20.73 0.22 11.20
N ALA B 223 -21.46 -0.84 10.87
CA ALA B 223 -20.84 -2.02 10.28
C ALA B 223 -20.34 -1.71 8.86
N PRO B 224 -19.23 -2.33 8.43
CA PRO B 224 -18.35 -3.24 9.16
C PRO B 224 -17.11 -2.56 9.78
N HIS B 225 -17.25 -1.35 10.31
CA HIS B 225 -16.16 -0.65 10.99
C HIS B 225 -15.80 -1.36 12.29
N VAL B 226 -14.53 -1.30 12.65
CA VAL B 226 -14.04 -1.88 13.90
C VAL B 226 -14.81 -1.30 15.08
N PRO B 227 -14.93 -2.04 16.19
CA PRO B 227 -14.33 -3.35 16.47
C PRO B 227 -15.00 -4.48 15.71
N LEU B 228 -14.25 -5.50 15.30
CA LEU B 228 -14.84 -6.64 14.61
C LEU B 228 -15.57 -7.50 15.63
N GLN B 229 -16.89 -7.39 15.64
CA GLN B 229 -17.76 -8.05 16.61
C GLN B 229 -19.01 -8.50 15.88
N ALA B 230 -19.32 -9.79 15.98
CA ALA B 230 -20.42 -10.37 15.20
C ALA B 230 -21.20 -11.38 16.04
N LYS B 231 -22.44 -11.60 15.65
CA LYS B 231 -23.30 -12.60 16.28
C LYS B 231 -22.88 -14.01 15.88
N ALA B 232 -23.01 -14.94 16.82
CA ALA B 232 -22.65 -16.33 16.53
C ALA B 232 -23.46 -16.90 15.38
N GLU B 233 -24.76 -16.55 15.31
CA GLU B 233 -25.61 -17.07 14.24
C GLU B 233 -25.13 -16.58 12.87
N ASP B 234 -24.56 -15.38 12.81
CA ASP B 234 -24.05 -14.87 11.55
C ASP B 234 -22.67 -15.44 11.22
N VAL B 235 -21.81 -15.60 12.22
CA VAL B 235 -20.49 -16.19 12.01
C VAL B 235 -20.61 -17.61 11.49
N ALA B 236 -21.65 -18.34 11.91
CA ALA B 236 -21.84 -19.72 11.48
C ALA B 236 -22.07 -19.85 9.99
N LYS B 237 -22.46 -18.76 9.31
CA LYS B 237 -22.64 -18.79 7.86
C LYS B 237 -21.33 -18.71 7.09
N PHE B 238 -20.20 -18.53 7.77
CA PHE B 238 -18.96 -18.19 7.07
C PHE B 238 -17.81 -19.10 7.47
N ALA B 239 -18.11 -20.36 7.75
CA ALA B 239 -17.06 -21.35 7.97
C ALA B 239 -16.11 -21.47 6.79
N HIS B 240 -16.56 -21.11 5.58
CA HIS B 240 -15.69 -21.21 4.41
C HIS B 240 -14.61 -20.13 4.38
N ILE B 241 -14.68 -19.15 5.26
CA ILE B 241 -13.68 -18.09 5.34
C ILE B 241 -12.69 -18.48 6.43
N LYS B 242 -11.45 -18.73 6.03
CA LYS B 242 -10.48 -19.25 6.99
C LYS B 242 -9.82 -18.16 7.81
N ASP B 243 -9.65 -16.96 7.26
CA ASP B 243 -9.02 -15.88 8.00
C ASP B 243 -9.98 -15.39 9.08
N LYS B 244 -9.48 -15.30 10.32
CA LYS B 244 -10.38 -15.07 11.44
C LYS B 244 -11.02 -13.68 11.37
N ASP B 245 -10.23 -12.67 11.00
CA ASP B 245 -10.80 -11.32 10.92
C ASP B 245 -11.77 -11.20 9.77
N ARG B 246 -11.46 -11.80 8.62
CA ARG B 246 -12.41 -11.70 7.52
C ARG B 246 -13.70 -12.45 7.81
N ARG B 247 -13.63 -13.55 8.56
CA ARG B 247 -14.86 -14.27 8.91
C ARG B 247 -15.78 -13.41 9.77
N THR B 248 -15.22 -12.76 10.80
CA THR B 248 -16.03 -11.86 11.63
C THR B 248 -16.56 -10.70 10.82
N TYR B 249 -15.68 -10.09 10.02
CA TYR B 249 -16.08 -8.98 9.16
C TYR B 249 -17.21 -9.39 8.22
N ALA B 250 -17.10 -10.57 7.61
CA ALA B 250 -18.16 -11.06 6.72
C ALA B 250 -19.48 -11.17 7.46
N ALA B 251 -19.46 -11.69 8.69
CA ALA B 251 -20.68 -11.81 9.47
C ALA B 251 -21.27 -10.46 9.82
N MET B 252 -20.41 -9.43 9.98
CA MET B 252 -20.92 -8.09 10.25
C MET B 252 -21.66 -7.53 9.05
N VAL B 253 -21.14 -7.74 7.84
CA VAL B 253 -21.81 -7.33 6.62
C VAL B 253 -23.09 -8.13 6.44
N TYR B 254 -23.04 -9.43 6.73
CA TYR B 254 -24.23 -10.25 6.61
C TYR B 254 -25.36 -9.74 7.50
N ALA B 255 -25.03 -9.24 8.69
CA ALA B 255 -26.06 -8.69 9.56
C ALA B 255 -26.73 -7.47 8.94
N VAL B 256 -25.96 -6.62 8.25
CA VAL B 256 -26.55 -5.52 7.48
C VAL B 256 -27.48 -6.07 6.42
N ASP B 257 -27.03 -7.11 5.71
CA ASP B 257 -27.85 -7.70 4.66
C ASP B 257 -29.18 -8.23 5.21
N ARG B 258 -29.14 -8.90 6.37
CA ARG B 258 -30.38 -9.37 7.00
C ARG B 258 -31.32 -8.21 7.28
N GLY B 259 -30.78 -7.13 7.84
CA GLY B 259 -31.62 -5.98 8.16
C GLY B 259 -32.21 -5.34 6.91
N VAL B 260 -31.42 -5.27 5.84
CA VAL B 260 -31.94 -4.75 4.58
C VAL B 260 -33.09 -5.62 4.09
N GLY B 261 -32.97 -6.94 4.24
CA GLY B 261 -34.05 -7.81 3.83
C GLY B 261 -35.33 -7.54 4.60
N LYS B 262 -35.22 -7.30 5.91
CA LYS B 262 -36.41 -7.00 6.71
C LYS B 262 -36.98 -5.64 6.34
N ILE B 263 -36.11 -4.68 6.04
CA ILE B 263 -36.54 -3.35 5.60
C ILE B 263 -37.33 -3.46 4.30
N VAL B 264 -36.81 -4.24 3.36
CA VAL B 264 -37.50 -4.44 2.08
C VAL B 264 -38.86 -5.08 2.30
N GLN B 265 -38.93 -6.09 3.17
CA GLN B 265 -40.23 -6.70 3.44
C GLN B 265 -41.22 -5.68 4.02
N THR B 266 -40.73 -4.79 4.89
CA THR B 266 -41.58 -3.74 5.45
C THR B 266 -42.05 -2.77 4.38
N LEU B 267 -41.15 -2.38 3.48
CA LEU B 267 -41.55 -1.48 2.39
C LEU B 267 -42.61 -2.13 1.50
N LYS B 268 -42.50 -3.43 1.26
CA LYS B 268 -43.53 -4.11 0.47
C LYS B 268 -44.85 -4.16 1.22
N GLU B 269 -44.80 -4.43 2.52
CA GLU B 269 -46.04 -4.56 3.28
C GLU B 269 -46.77 -3.23 3.39
N THR B 270 -46.02 -2.12 3.51
CA THR B 270 -46.62 -0.79 3.60
C THR B 270 -46.92 -0.20 2.22
N LYS B 271 -46.64 -0.94 1.15
CA LYS B 271 -46.83 -0.47 -0.23
C LYS B 271 -46.02 0.78 -0.53
N GLN B 272 -44.88 0.94 0.17
CA GLN B 272 -43.96 2.04 -0.11
C GLN B 272 -42.83 1.63 -1.06
N PHE B 273 -42.66 0.31 -1.30
CA PHE B 273 -41.47 -0.21 -1.98
C PHE B 273 -41.32 0.35 -3.39
N ASP B 274 -42.42 0.36 -4.17
CA ASP B 274 -42.31 0.71 -5.58
C ASP B 274 -41.83 2.15 -5.76
N ASN B 275 -42.24 3.07 -4.89
CA ASN B 275 -41.86 4.47 -5.01
C ASN B 275 -40.91 4.88 -3.88
N THR B 276 -39.99 3.99 -3.53
CA THR B 276 -38.85 4.34 -2.68
C THR B 276 -37.58 4.23 -3.51
N LEU B 277 -36.76 5.27 -3.47
CA LEU B 277 -35.40 5.21 -4.00
C LEU B 277 -34.49 4.75 -2.87
N ILE B 278 -33.92 3.56 -3.00
CA ILE B 278 -32.91 3.07 -2.06
C ILE B 278 -31.55 3.30 -2.66
N VAL B 279 -30.69 4.00 -1.94
CA VAL B 279 -29.31 4.23 -2.36
C VAL B 279 -28.41 3.55 -1.33
N PHE B 280 -27.62 2.59 -1.77
CA PHE B 280 -26.69 1.88 -0.89
C PHE B 280 -25.26 2.25 -1.27
N LEU B 281 -24.43 2.56 -0.27
CA LEU B 281 -23.02 2.83 -0.55
C LEU B 281 -22.23 2.71 0.74
N SER B 282 -20.91 2.81 0.60
CA SER B 282 -20.01 2.89 1.75
C SER B 282 -19.51 4.33 1.87
N ASP B 283 -19.14 4.73 3.09
CA ASP B 283 -18.62 6.09 3.27
C ASP B 283 -17.17 6.24 2.81
N ASN B 284 -16.45 5.15 2.63
CA ASN B 284 -15.08 5.19 2.12
C ASN B 284 -14.67 3.74 1.84
N GLY B 285 -13.46 3.57 1.33
CA GLY B 285 -12.95 2.25 1.01
C GLY B 285 -12.74 1.40 2.24
N GLY B 286 -12.59 0.09 2.01
CA GLY B 286 -12.33 -0.81 3.11
C GLY B 286 -10.94 -0.62 3.68
N ASN B 287 -10.81 -0.90 4.98
CA ASN B 287 -9.52 -0.92 5.64
C ASN B 287 -8.99 -2.34 5.56
N PHE B 288 -7.99 -2.57 4.71
CA PHE B 288 -7.57 -3.96 4.50
C PHE B 288 -6.73 -4.51 5.65
N ASN B 289 -6.52 -3.73 6.70
CA ASN B 289 -5.96 -4.27 7.94
C ASN B 289 -7.00 -4.95 8.83
N HIS B 290 -8.28 -4.73 8.57
CA HIS B 290 -9.35 -5.14 9.49
C HIS B 290 -10.48 -5.82 8.73
N GLY B 291 -10.11 -6.77 7.87
CA GLY B 291 -11.02 -7.72 7.27
C GLY B 291 -11.44 -7.41 5.85
N ALA B 292 -11.25 -6.17 5.40
CA ALA B 292 -11.84 -5.73 4.14
C ALA B 292 -10.97 -6.10 2.95
N ASN B 293 -11.60 -6.14 1.78
CA ASN B 293 -10.93 -6.44 0.51
C ASN B 293 -11.46 -5.46 -0.53
N ASN B 294 -10.54 -4.70 -1.16
CA ASN B 294 -10.95 -3.70 -2.14
C ASN B 294 -10.65 -4.12 -3.57
N TYR B 295 -10.42 -5.41 -3.81
CA TYR B 295 -10.12 -5.90 -5.15
C TYR B 295 -11.15 -5.41 -6.16
N PRO B 296 -10.74 -4.99 -7.36
CA PRO B 296 -9.39 -4.97 -7.93
C PRO B 296 -8.65 -3.65 -7.73
N LEU B 297 -9.09 -2.84 -6.78
CA LEU B 297 -8.50 -1.52 -6.58
C LEU B 297 -7.25 -1.61 -5.74
N LYS B 298 -6.34 -0.68 -5.98
CA LYS B 298 -5.14 -0.54 -5.16
C LYS B 298 -5.49 0.24 -3.89
N GLY B 299 -4.88 -0.14 -2.79
CA GLY B 299 -4.94 0.69 -1.61
C GLY B 299 -6.06 0.38 -0.65
N THR B 300 -6.22 1.30 0.28
CA THR B 300 -7.01 1.06 1.48
C THR B 300 -7.64 2.38 1.92
N LYS B 301 -8.58 2.26 2.85
CA LYS B 301 -9.20 3.41 3.49
C LYS B 301 -8.17 4.51 3.77
N GLY B 302 -8.52 5.73 3.38
CA GLY B 302 -7.67 6.88 3.61
C GLY B 302 -6.74 7.25 2.46
N ASP B 303 -6.51 6.33 1.51
CA ASP B 303 -5.65 6.59 0.36
C ASP B 303 -6.39 7.39 -0.71
N THR B 304 -5.60 8.03 -1.59
CA THR B 304 -6.17 8.56 -2.83
C THR B 304 -5.93 7.64 -4.03
N TRP B 305 -5.36 6.45 -3.81
CA TRP B 305 -5.62 5.37 -4.75
C TRP B 305 -7.13 5.11 -4.80
N GLU B 306 -7.57 4.45 -5.87
CA GLU B 306 -9.01 4.17 -5.98
C GLU B 306 -9.55 3.47 -4.74
N GLY B 307 -8.77 2.57 -4.13
CA GLY B 307 -9.26 1.82 -2.99
C GLY B 307 -9.67 2.66 -1.79
N GLY B 308 -9.19 3.90 -1.70
CA GLY B 308 -9.59 4.74 -0.58
C GLY B 308 -10.97 5.35 -0.71
N TYR B 309 -11.44 5.65 -1.93
CA TYR B 309 -12.67 6.42 -2.03
C TYR B 309 -13.57 6.01 -3.19
N ARG B 310 -13.26 4.94 -3.91
CA ARG B 310 -14.21 4.34 -4.84
C ARG B 310 -14.94 3.23 -4.10
N VAL B 311 -16.27 3.26 -4.12
CA VAL B 311 -17.09 2.46 -3.22
C VAL B 311 -18.17 1.73 -4.00
N PRO B 312 -18.70 0.64 -3.44
CA PRO B 312 -19.89 0.03 -4.06
C PRO B 312 -21.06 0.98 -3.94
N MET B 313 -21.94 0.96 -4.94
CA MET B 313 -23.16 1.75 -4.84
C MET B 313 -24.20 1.22 -5.81
N PHE B 314 -25.45 1.17 -5.36
CA PHE B 314 -26.57 0.97 -6.28
C PHE B 314 -27.70 1.95 -5.97
N PHE B 315 -28.52 2.20 -6.98
CA PHE B 315 -29.81 2.88 -6.84
C PHE B 315 -30.89 1.86 -7.14
N HIS B 316 -31.90 1.76 -6.28
CA HIS B 316 -33.01 0.85 -6.51
C HIS B 316 -34.29 1.64 -6.34
N TRP B 317 -35.11 1.67 -7.39
CA TRP B 317 -36.34 2.48 -7.40
C TRP B 317 -37.26 1.87 -8.44
N PRO B 318 -38.11 0.91 -8.06
CA PRO B 318 -38.80 0.10 -9.08
C PRO B 318 -39.65 0.93 -10.05
N LYS B 319 -40.22 2.04 -9.59
CA LYS B 319 -41.10 2.82 -10.45
C LYS B 319 -40.36 3.34 -11.68
N LYS B 320 -39.06 3.64 -11.55
CA LYS B 320 -38.33 4.37 -12.59
C LYS B 320 -37.06 3.68 -13.08
N ILE B 321 -36.31 3.05 -12.19
CA ILE B 321 -35.01 2.49 -12.54
C ILE B 321 -35.20 1.03 -12.94
N LYS B 322 -34.83 0.71 -14.17
CA LYS B 322 -35.03 -0.62 -14.68
C LYS B 322 -34.05 -1.60 -14.04
N LYS B 323 -34.42 -2.88 -14.08
CA LYS B 323 -33.58 -3.93 -13.55
C LYS B 323 -32.35 -4.16 -14.42
N ASP B 324 -31.33 -4.75 -13.79
CA ASP B 324 -30.14 -5.26 -14.47
C ASP B 324 -29.30 -4.16 -15.10
N GLN B 325 -29.38 -2.94 -14.57
CA GLN B 325 -28.63 -1.81 -15.12
C GLN B 325 -27.24 -1.74 -14.50
N ARG B 326 -26.27 -1.39 -15.32
CA ARG B 326 -24.93 -1.03 -14.83
C ARG B 326 -24.61 0.35 -15.36
N PHE B 327 -24.26 1.25 -14.46
CA PHE B 327 -23.94 2.62 -14.84
C PHE B 327 -22.44 2.80 -14.65
N ASP B 328 -21.73 3.01 -15.75
CA ASP B 328 -20.27 2.96 -15.73
C ASP B 328 -19.62 4.35 -15.73
N PHE B 329 -20.39 5.41 -15.92
CA PHE B 329 -19.76 6.72 -15.87
C PHE B 329 -19.52 7.13 -14.42
N PRO B 330 -18.44 7.86 -14.15
CA PRO B 330 -18.14 8.24 -12.76
C PRO B 330 -19.21 9.17 -12.18
N VAL B 331 -19.52 8.93 -10.90
CA VAL B 331 -20.45 9.73 -10.13
C VAL B 331 -19.86 9.93 -8.73
N SER B 332 -20.47 10.84 -7.98
CA SER B 332 -19.98 11.24 -6.67
C SER B 332 -21.08 11.15 -5.63
N SER B 333 -20.71 10.82 -4.39
CA SER B 333 -21.66 10.96 -3.30
C SER B 333 -22.14 12.40 -3.15
N LEU B 334 -21.37 13.37 -3.65
CA LEU B 334 -21.86 14.75 -3.70
C LEU B 334 -23.11 14.89 -4.57
N ASP B 335 -23.39 13.91 -5.44
CA ASP B 335 -24.57 14.00 -6.28
C ASP B 335 -25.86 13.73 -5.49
N LEU B 336 -25.76 13.12 -4.31
CA LEU B 336 -26.98 12.74 -3.62
C LEU B 336 -27.79 13.97 -3.21
N TYR B 337 -27.13 15.02 -2.74
CA TYR B 337 -27.86 16.21 -2.29
C TYR B 337 -28.71 16.80 -3.42
N PRO B 338 -28.15 17.24 -4.55
CA PRO B 338 -29.02 17.80 -5.61
C PRO B 338 -29.96 16.78 -6.24
N THR B 339 -29.57 15.51 -6.31
CA THR B 339 -30.49 14.50 -6.84
C THR B 339 -31.70 14.35 -5.95
N PHE B 340 -31.48 14.24 -4.63
CA PHE B 340 -32.57 14.07 -3.69
C PHE B 340 -33.45 15.32 -3.62
N THR B 341 -32.84 16.51 -3.57
CA THR B 341 -33.67 17.71 -3.51
C THR B 341 -34.43 17.90 -4.81
N GLY B 342 -33.87 17.44 -5.93
CA GLY B 342 -34.61 17.45 -7.19
C GLY B 342 -35.85 16.56 -7.13
N LEU B 343 -35.67 15.31 -6.67
CA LEU B 343 -36.81 14.41 -6.53
C LEU B 343 -37.85 14.93 -5.56
N ALA B 344 -37.44 15.63 -4.52
CA ALA B 344 -38.37 16.17 -3.54
C ALA B 344 -38.99 17.48 -3.98
N GLU B 345 -38.62 17.98 -5.16
CA GLU B 345 -39.10 19.28 -5.64
C GLU B 345 -38.87 20.36 -4.58
N ALA B 346 -37.73 20.28 -3.92
CA ALA B 346 -37.43 21.13 -2.77
C ALA B 346 -36.60 22.33 -3.22
N LYS B 347 -36.96 23.50 -2.74
CA LYS B 347 -36.18 24.69 -3.03
C LYS B 347 -34.96 24.75 -2.12
N LEU B 348 -33.82 25.14 -2.70
CA LEU B 348 -32.60 25.28 -1.94
C LEU B 348 -32.60 26.61 -1.18
N PRO B 349 -31.95 26.65 -0.01
CA PRO B 349 -31.82 27.92 0.71
C PRO B 349 -31.04 28.92 -0.13
N LYS B 350 -31.33 30.21 0.10
CA LYS B 350 -30.63 31.26 -0.63
C LYS B 350 -29.14 31.19 -0.36
N GLY B 351 -28.34 31.19 -1.42
CA GLY B 351 -26.91 31.17 -1.29
C GLY B 351 -26.28 29.81 -1.10
N LYS B 352 -27.08 28.74 -1.03
CA LYS B 352 -26.52 27.41 -0.85
C LYS B 352 -25.70 27.01 -2.06
N GLN B 353 -24.49 26.51 -1.81
CA GLN B 353 -23.58 26.06 -2.85
CA GLN B 353 -23.59 26.06 -2.87
C GLN B 353 -23.48 24.54 -2.80
N LEU B 354 -23.39 23.92 -3.98
CA LEU B 354 -23.33 22.46 -4.10
C LEU B 354 -22.25 22.09 -5.10
N ASP B 355 -21.50 21.04 -4.79
CA ASP B 355 -20.41 20.61 -5.65
C ASP B 355 -20.78 19.43 -6.54
N GLY B 356 -21.93 18.80 -6.31
CA GLY B 356 -22.36 17.67 -7.10
C GLY B 356 -23.46 18.04 -8.09
N LYS B 357 -24.03 17.00 -8.70
CA LYS B 357 -24.99 17.15 -9.78
C LYS B 357 -26.25 16.34 -9.52
N ASN B 358 -27.37 16.81 -10.06
CA ASN B 358 -28.60 16.02 -10.10
C ASN B 358 -28.46 15.01 -11.23
N ILE B 359 -28.22 13.74 -10.91
CA ILE B 359 -27.82 12.76 -11.91
C ILE B 359 -28.95 11.82 -12.30
N MET B 360 -30.17 12.01 -11.80
CA MET B 360 -31.19 10.99 -12.04
C MET B 360 -31.50 10.84 -13.53
N ASP B 361 -31.65 11.96 -14.26
CA ASP B 361 -31.89 11.84 -15.69
C ASP B 361 -30.71 11.19 -16.41
N ASP B 362 -29.48 11.48 -15.96
CA ASP B 362 -28.32 10.81 -16.56
C ASP B 362 -28.38 9.30 -16.33
N VAL B 363 -28.82 8.89 -15.14
CA VAL B 363 -28.90 7.46 -14.82
C VAL B 363 -29.94 6.78 -15.72
N LEU B 364 -31.11 7.40 -15.85
CA LEU B 364 -32.15 6.79 -16.66
C LEU B 364 -31.78 6.75 -18.14
N LYS B 365 -31.08 7.78 -18.62
CA LYS B 365 -30.74 7.90 -20.04
C LYS B 365 -29.38 7.30 -20.38
N ASN B 366 -28.64 6.83 -19.39
CA ASN B 366 -27.26 6.35 -19.57
C ASN B 366 -26.39 7.40 -20.25
N THR B 367 -26.42 8.63 -19.73
CA THR B 367 -25.55 9.69 -20.19
C THR B 367 -24.56 10.06 -19.10
N GLU B 368 -23.50 10.79 -19.47
CA GLU B 368 -22.31 10.97 -18.65
C GLU B 368 -22.37 12.29 -17.88
N PRO B 369 -22.72 12.28 -16.58
CA PRO B 369 -22.90 13.56 -15.88
C PRO B 369 -21.63 14.37 -15.76
N TYR B 370 -20.48 13.74 -15.58
CA TYR B 370 -19.23 14.47 -15.38
C TYR B 370 -18.41 14.53 -16.66
N LYS B 371 -19.06 14.51 -17.82
CA LYS B 371 -18.34 14.67 -19.09
C LYS B 371 -17.47 15.92 -19.05
N ASP B 372 -16.18 15.74 -19.30
CA ASP B 372 -15.17 16.81 -19.34
C ASP B 372 -15.04 17.53 -18.01
N GLU B 373 -15.40 16.87 -16.91
CA GLU B 373 -15.31 17.47 -15.59
C GLU B 373 -14.65 16.48 -14.64
N MET B 374 -14.22 17.02 -13.50
CA MET B 374 -13.38 16.30 -12.55
C MET B 374 -14.17 15.79 -11.35
N ILE B 375 -13.77 14.62 -10.87
CA ILE B 375 -14.10 14.14 -9.53
C ILE B 375 -12.77 14.02 -8.78
N TYR B 376 -12.72 14.58 -7.57
CA TYR B 376 -11.47 14.88 -6.89
C TYR B 376 -11.38 14.19 -5.53
N SER B 377 -10.15 13.99 -5.09
CA SER B 377 -9.87 13.77 -3.68
C SER B 377 -8.54 14.40 -3.29
N LEU B 378 -8.51 15.03 -2.12
CA LEU B 378 -7.25 15.47 -1.54
C LEU B 378 -7.30 15.13 -0.06
N ARG B 379 -6.31 14.37 0.41
CA ARG B 379 -6.26 13.92 1.79
C ARG B 379 -4.98 14.44 2.42
N TYR B 380 -5.12 15.16 3.54
CA TYR B 380 -3.96 15.73 4.20
C TYR B 380 -3.15 14.65 4.91
N ARG B 381 -1.84 14.71 4.73
CA ARG B 381 -0.91 13.83 5.43
C ARG B 381 -0.02 14.67 6.35
N GLU B 382 0.97 14.03 6.96
CA GLU B 382 1.83 14.73 7.90
C GLU B 382 2.96 15.39 7.11
N GLY B 383 2.65 16.55 6.53
CA GLY B 383 3.62 17.35 5.82
C GLY B 383 3.46 17.39 4.32
N TYR B 384 2.50 16.68 3.76
CA TYR B 384 2.26 16.67 2.31
C TYR B 384 0.80 16.26 2.10
N ASN B 385 0.37 16.24 0.84
CA ASN B 385 -1.00 15.90 0.49
C ASN B 385 -1.02 14.72 -0.49
N ASP B 386 -1.93 13.78 -0.25
CA ASP B 386 -2.31 12.79 -1.24
C ASP B 386 -3.44 13.35 -2.10
N VAL B 387 -3.38 13.08 -3.41
CA VAL B 387 -4.36 13.62 -4.36
C VAL B 387 -4.81 12.53 -5.33
N GLY B 388 -6.07 12.61 -5.71
CA GLY B 388 -6.56 11.89 -6.89
C GLY B 388 -7.51 12.79 -7.66
N ALA B 389 -7.49 12.66 -8.98
CA ALA B 389 -8.42 13.46 -9.79
C ALA B 389 -8.74 12.69 -11.05
N ARG B 390 -10.03 12.48 -11.32
CA ARG B 390 -10.47 11.71 -12.47
C ARG B 390 -11.32 12.54 -13.43
N MET B 391 -10.99 12.46 -14.72
CA MET B 391 -11.85 13.01 -15.76
CA MET B 391 -11.82 13.03 -15.78
C MET B 391 -11.97 11.96 -16.85
N GLY B 392 -13.20 11.49 -17.07
CA GLY B 392 -13.41 10.47 -18.09
C GLY B 392 -12.62 9.23 -17.75
N ASP B 393 -11.88 8.71 -18.73
CA ASP B 393 -11.10 7.49 -18.55
C ASP B 393 -9.80 7.71 -17.81
N TRP B 394 -9.45 8.93 -17.46
CA TRP B 394 -8.12 9.27 -17.00
C TRP B 394 -8.11 9.70 -15.53
N LYS B 395 -7.05 9.31 -14.83
CA LYS B 395 -6.90 9.71 -13.43
C LYS B 395 -5.46 10.09 -13.18
N ILE B 396 -5.26 11.15 -12.41
CA ILE B 396 -3.95 11.47 -11.86
C ILE B 396 -3.96 11.15 -10.38
N THR B 397 -2.83 10.65 -9.89
CA THR B 397 -2.71 10.24 -8.51
C THR B 397 -1.35 10.68 -7.98
N ARG B 398 -1.35 11.26 -6.79
CA ARG B 398 -0.12 11.42 -6.04
C ARG B 398 -0.32 10.81 -4.66
N MET B 399 0.52 9.83 -4.34
CA MET B 399 0.46 9.13 -3.06
C MET B 399 1.85 9.15 -2.43
N GLY B 400 1.90 9.37 -1.12
CA GLY B 400 3.18 9.36 -0.39
C GLY B 400 4.15 10.45 -0.78
N ASN B 401 3.68 11.48 -1.48
CA ASN B 401 4.49 12.56 -2.02
C ASN B 401 5.46 12.08 -3.10
N GLU B 402 5.19 10.92 -3.68
CA GLU B 402 5.96 10.36 -4.79
C GLU B 402 5.67 11.12 -6.08
N PRO B 403 6.42 10.86 -7.16
CA PRO B 403 6.11 11.52 -8.44
C PRO B 403 4.68 11.27 -8.87
N TRP B 404 4.13 12.26 -9.59
CA TRP B 404 2.77 12.19 -10.09
C TRP B 404 2.60 11.00 -11.03
N ARG B 405 1.42 10.40 -10.96
CA ARG B 405 1.04 9.29 -11.84
C ARG B 405 -0.16 9.68 -12.69
N LEU B 406 -0.15 9.23 -13.94
CA LEU B 406 -1.29 9.32 -14.84
C LEU B 406 -1.71 7.91 -15.21
N HIS B 407 -2.99 7.60 -15.02
CA HIS B 407 -3.50 6.26 -15.31
C HIS B 407 -4.69 6.34 -16.24
N ASN B 408 -4.76 5.41 -17.19
CA ASN B 408 -6.04 5.18 -17.85
C ASN B 408 -6.80 4.24 -16.93
N ILE B 409 -7.68 4.82 -16.11
CA ILE B 409 -8.30 4.04 -15.04
C ILE B 409 -9.29 3.04 -15.59
N THR B 410 -9.78 3.24 -16.82
CA THR B 410 -10.65 2.25 -17.43
C THR B 410 -9.87 1.02 -17.87
N GLN B 411 -8.68 1.20 -18.41
CA GLN B 411 -7.85 0.08 -18.84
C GLN B 411 -6.95 -0.46 -17.73
N ASP B 412 -6.75 0.31 -16.65
CA ASP B 412 -5.74 0.03 -15.63
C ASP B 412 -6.35 0.39 -14.27
N ILE B 413 -7.40 -0.35 -13.88
CA ILE B 413 -8.18 0.00 -12.70
C ILE B 413 -7.33 -0.10 -11.43
N GLY B 414 -6.30 -0.94 -11.45
CA GLY B 414 -5.39 -1.12 -10.32
C GLY B 414 -4.29 -0.10 -10.20
N GLU B 415 -4.25 0.90 -11.09
CA GLU B 415 -3.26 1.98 -11.03
C GLU B 415 -1.82 1.45 -11.02
N LYS B 416 -1.54 0.51 -11.92
CA LYS B 416 -0.24 -0.13 -11.98
C LYS B 416 0.72 0.50 -12.98
N LYS B 417 0.19 1.13 -14.04
CA LYS B 417 1.02 1.57 -15.18
C LYS B 417 0.96 3.09 -15.29
N ASN B 418 2.05 3.74 -14.88
CA ASN B 418 2.13 5.19 -14.94
C ASN B 418 2.39 5.62 -16.38
N LEU B 419 1.45 6.40 -16.92
CA LEU B 419 1.54 6.92 -18.28
C LEU B 419 1.97 8.38 -18.31
N ALA B 420 2.50 8.90 -17.21
CA ALA B 420 2.87 10.32 -17.14
C ALA B 420 3.90 10.69 -18.21
N GLY B 421 4.81 9.76 -18.51
CA GLY B 421 5.79 10.03 -19.55
C GLY B 421 5.24 9.92 -20.95
N ARG B 422 4.18 9.13 -21.14
CA ARG B 422 3.59 8.94 -22.45
C ARG B 422 2.66 10.10 -22.83
N TYR B 423 1.94 10.66 -21.86
CA TYR B 423 1.00 11.75 -22.10
C TYR B 423 1.28 12.91 -21.14
N PRO B 424 2.43 13.57 -21.27
CA PRO B 424 2.78 14.62 -20.30
C PRO B 424 1.83 15.82 -20.35
N ASP B 425 1.36 16.20 -21.53
CA ASP B 425 0.45 17.35 -21.61
C ASP B 425 -0.87 17.06 -20.91
N ARG B 426 -1.38 15.83 -21.03
CA ARG B 426 -2.61 15.48 -20.32
C ARG B 426 -2.40 15.50 -18.81
N LEU B 427 -1.28 14.95 -18.35
CA LEU B 427 -0.95 15.03 -16.93
C LEU B 427 -0.96 16.47 -16.43
N LYS B 428 -0.30 17.36 -17.17
CA LYS B 428 -0.17 18.74 -16.68
C LYS B 428 -1.47 19.50 -16.80
N GLU B 429 -2.31 19.19 -17.80
CA GLU B 429 -3.64 19.81 -17.86
C GLU B 429 -4.49 19.40 -16.67
N MET B 430 -4.46 18.12 -16.30
CA MET B 430 -5.25 17.65 -15.18
C MET B 430 -4.71 18.22 -13.87
N ILE B 431 -3.39 18.33 -13.75
CA ILE B 431 -2.80 18.92 -12.55
C ILE B 431 -3.19 20.39 -12.43
N ALA B 432 -3.19 21.12 -13.56
CA ALA B 432 -3.56 22.53 -13.53
C ALA B 432 -5.00 22.71 -13.04
N LYS B 433 -5.92 21.91 -13.55
CA LYS B 433 -7.31 21.99 -13.12
C LYS B 433 -7.44 21.65 -11.64
N THR B 434 -6.71 20.64 -11.16
CA THR B 434 -6.78 20.25 -9.75
C THR B 434 -6.20 21.34 -8.84
N GLN B 435 -5.11 21.96 -9.29
CA GLN B 435 -4.54 23.06 -8.50
C GLN B 435 -5.52 24.21 -8.40
N GLU B 436 -6.22 24.52 -9.50
CA GLU B 436 -7.21 25.59 -9.47
C GLU B 436 -8.31 25.29 -8.45
N TRP B 437 -8.73 24.02 -8.40
CA TRP B 437 -9.70 23.61 -7.39
C TRP B 437 -9.23 23.94 -5.98
N THR B 438 -7.96 23.65 -5.67
CA THR B 438 -7.48 23.92 -4.31
C THR B 438 -7.46 25.41 -3.99
N LYS B 439 -7.44 26.28 -5.00
CA LYS B 439 -7.43 27.72 -4.72
C LYS B 439 -8.71 28.17 -4.03
N SER B 440 -9.78 27.39 -4.12
CA SER B 440 -11.05 27.72 -3.48
C SER B 440 -11.14 27.22 -2.04
N PHE B 441 -10.15 26.47 -1.56
CA PHE B 441 -10.27 25.82 -0.26
C PHE B 441 -10.26 26.83 0.88
N VAL B 442 -10.88 26.44 1.99
CA VAL B 442 -10.81 27.18 3.23
C VAL B 442 -9.85 26.47 4.17
N LYS B 443 -9.54 27.12 5.30
CA LYS B 443 -8.72 26.47 6.30
C LYS B 443 -9.54 25.46 7.09
N PRO B 444 -8.94 24.35 7.51
CA PRO B 444 -9.65 23.42 8.38
C PRO B 444 -10.05 24.10 9.69
N LEU B 445 -11.29 23.83 10.12
CA LEU B 445 -11.76 24.37 11.39
C LEU B 445 -11.07 23.69 12.58
N TRP B 446 -10.69 22.44 12.41
CA TRP B 446 -9.91 21.69 13.36
C TRP B 446 -8.99 20.78 12.57
N VAL B 447 -7.90 20.34 13.21
CA VAL B 447 -7.05 19.31 12.62
C VAL B 447 -7.13 18.09 13.53
N TYR B 448 -6.29 17.07 13.28
CA TYR B 448 -6.45 15.84 14.03
C TYR B 448 -5.38 15.66 15.11
N SER B 449 -4.11 15.86 14.78
CA SER B 449 -3.02 15.62 15.73
C SER B 449 -2.30 16.91 16.09
N VAL B 450 -1.53 16.84 17.18
CA VAL B 450 -0.64 17.94 17.54
C VAL B 450 0.32 18.25 16.40
N LYS B 451 0.81 17.21 15.72
CA LYS B 451 1.68 17.42 14.56
C LYS B 451 0.98 18.24 13.48
N ASP B 452 -0.27 17.89 13.18
CA ASP B 452 -1.06 18.69 12.22
C ASP B 452 -1.08 20.15 12.62
N LYS B 453 -1.38 20.42 13.89
CA LYS B 453 -1.48 21.80 14.38
C LYS B 453 -0.16 22.53 14.18
N GLU B 454 0.95 21.89 14.54
CA GLU B 454 2.26 22.50 14.34
C GLU B 454 2.52 22.80 12.87
N LEU B 455 2.15 21.86 11.98
CA LEU B 455 2.46 22.04 10.57
C LEU B 455 1.62 23.14 9.94
N TRP B 456 0.33 23.21 10.26
CA TRP B 456 -0.50 24.28 9.74
C TRP B 456 -0.09 25.63 10.31
N GLU B 457 0.23 25.68 11.61
CA GLU B 457 0.57 26.97 12.20
C GLU B 457 1.89 27.51 11.67
N SER B 458 2.82 26.63 11.32
CA SER B 458 4.09 27.08 10.76
C SER B 458 4.00 27.41 9.28
N GLY B 459 2.93 27.02 8.60
CA GLY B 459 2.84 27.17 7.17
C GLY B 459 3.43 26.03 6.36
N GLN B 460 3.99 25.01 7.03
CA GLN B 460 4.48 23.84 6.30
C GLN B 460 3.33 23.11 5.62
N MET B 461 2.15 23.10 6.25
CA MET B 461 0.91 22.69 5.63
C MET B 461 0.06 23.92 5.32
N PRO B 462 -0.72 23.89 4.23
CA PRO B 462 -0.93 22.76 3.32
C PRO B 462 0.03 22.69 2.15
N ASN B 463 0.72 23.79 1.85
CA ASN B 463 1.65 23.93 0.72
C ASN B 463 1.13 23.24 -0.54
N TYR B 464 -0.02 23.72 -1.03
CA TYR B 464 -0.57 23.19 -2.28
C TYR B 464 0.39 23.41 -3.44
N GLU B 465 1.17 24.50 -3.43
CA GLU B 465 2.12 24.73 -4.52
C GLU B 465 3.08 23.55 -4.67
N ALA B 466 3.62 23.04 -3.56
CA ALA B 466 4.52 21.91 -3.63
C ALA B 466 3.80 20.65 -4.08
N THR B 467 2.54 20.47 -3.65
CA THR B 467 1.77 19.31 -4.08
C THR B 467 1.70 19.21 -5.60
N PHE B 468 1.65 20.35 -6.29
CA PHE B 468 1.46 20.34 -7.73
C PHE B 468 2.76 20.56 -8.50
N GLU B 469 3.91 20.43 -7.84
CA GLU B 469 5.17 20.25 -8.55
C GLU B 469 5.13 18.96 -9.37
N VAL B 470 5.78 18.97 -10.52
CA VAL B 470 5.82 17.80 -11.39
C VAL B 470 7.25 17.45 -11.79
N ASP B 471 7.87 18.33 -12.60
CA ASP B 471 9.13 17.99 -13.25
C ASP B 471 10.24 17.71 -12.25
N LYS B 472 10.34 18.52 -11.18
CA LYS B 472 11.43 18.35 -10.24
C LYS B 472 11.35 17.01 -9.49
N LEU B 473 10.19 16.35 -9.51
CA LEU B 473 10.09 15.05 -8.85
C LEU B 473 10.72 13.94 -9.67
N VAL B 474 10.89 14.12 -10.97
CA VAL B 474 11.43 13.08 -11.83
C VAL B 474 12.76 13.44 -12.49
N ASP B 475 13.09 14.73 -12.62
CA ASP B 475 14.35 15.11 -13.25
C ASP B 475 15.53 14.81 -12.33
N SER B 476 16.64 14.42 -12.92
CA SER B 476 17.90 14.26 -12.21
C SER B 476 18.61 15.60 -12.12
N PRO B 477 19.24 15.91 -10.99
CA PRO B 477 20.05 17.14 -10.91
C PRO B 477 21.38 17.03 -11.65
N TYR B 478 21.74 15.87 -12.18
CA TYR B 478 23.05 15.66 -12.77
C TYR B 478 22.98 15.54 -14.30
C1 G4S C . 12.03 2.35 -22.61
C2 G4S C . 12.83 2.66 -21.36
C3 G4S C . 11.95 2.65 -20.13
C4 G4S C . 10.71 3.51 -20.32
C5 G4S C . 9.98 3.10 -21.60
C6 G4S C . 8.77 3.94 -21.92
O1 G4S C . 12.86 2.53 -23.72
O2 G4S C . 13.88 1.69 -21.21
O3 G4S C . 12.70 3.09 -18.99
O4 G4S C . 11.12 4.92 -20.50
O5 G4S C . 10.89 3.21 -22.71
O6 G4S C . 7.89 4.05 -20.79
S G4S C . 10.80 5.98 -19.35
O7 G4S C . 9.83 5.33 -18.49
O8 G4S C . 10.27 7.14 -20.03
O9 G4S C . 12.05 6.25 -18.68
C1 DGS C . 11.98 2.68 -17.80
C2 DGS C . 12.58 3.47 -16.63
C3 DGS C . 12.09 2.85 -15.33
C4 DGS C . 12.53 1.40 -15.21
C5 DGS C . 11.62 0.82 -16.30
C6 DGS C . 10.31 1.44 -15.88
O2 DGS C . 14.02 3.42 -16.82
O3 DGS C . 10.65 2.74 -15.32
O4 DGS C . 12.23 0.87 -13.93
O5 DGS C . 12.09 1.27 -17.58
O7 DGS C . 14.87 3.99 -14.57
O8 DGS C . 16.30 4.05 -16.50
O9 DGS C . 14.58 5.72 -16.24
S DGS C . 15.00 4.36 -15.96
C1 GAL C . 13.18 1.46 -13.02
C2 GAL C . 12.60 1.44 -11.61
C3 GAL C . 13.63 1.95 -10.60
C4 GAL C . 14.95 1.21 -10.76
C5 GAL C . 15.42 1.28 -12.21
C6 GAL C . 16.70 0.52 -12.48
O2 GAL C . 11.36 2.15 -11.57
O3 GAL C . 13.13 1.85 -9.27
O4 GAL C . 14.80 -0.17 -10.42
O5 GAL C . 14.41 0.73 -13.06
O6 GAL C . 17.14 0.70 -13.84
C1 DGS C . 13.63 2.97 -8.51
C2 DGS C . 13.28 2.74 -7.06
C3 DGS C . 13.52 4.03 -6.29
C4 DGS C . 12.63 5.16 -6.82
C5 DGS C . 13.31 5.33 -8.17
C6 DGS C . 14.75 5.42 -7.71
O2 DGS C . 11.89 2.29 -7.02
O3 DGS C . 14.84 4.51 -6.58
O4 DGS C . 12.70 6.32 -6.02
O5 DGS C . 13.05 4.18 -8.99
O7 DGS C . 12.07 1.14 -4.90
O8 DGS C . 10.83 3.18 -4.94
O9 DGS C . 9.98 1.26 -6.07
S DGS C . 11.17 1.97 -5.64
C1 G4S D . -10.96 0.34 23.15
C2 G4S D . -11.08 1.57 22.27
C3 G4S D . -10.34 1.38 20.96
C4 G4S D . -8.93 0.89 21.19
C5 G4S D . -8.95 -0.37 22.05
C6 G4S D . -7.57 -0.89 22.37
O1 G4S D . -11.48 0.67 24.40
O2 G4S D . -12.46 1.85 22.02
O3 G4S D . -10.35 2.59 20.21
O4 G4S D . -8.21 1.86 22.02
O5 G4S D . -9.60 -0.06 23.30
O6 G4S D . -6.77 -0.97 21.19
S G4S D . -6.97 2.66 21.42
O7 G4S D . -6.34 1.74 20.50
O8 G4S D . -6.14 2.98 22.56
O9 G4S D . -7.50 3.84 20.76
C1 DGS D . -9.87 2.34 18.86
C2 DGS D . -9.54 3.70 18.26
C3 DGS D . -9.38 3.56 16.76
C4 DGS D . -10.66 3.02 16.11
C5 DGS D . -10.59 1.61 16.67
C6 DGS D . -9.15 1.28 16.34
O2 DGS D . -10.60 4.61 18.65
O3 DGS D . -8.43 2.53 16.41
O4 DGS D . -10.52 3.05 14.70
O5 DGS D . -10.86 1.65 18.08
O7 DGS D . -11.68 6.73 19.04
O8 DGS D . -9.32 6.50 19.44
O9 DGS D . -10.16 6.55 17.18
S DGS D . -10.42 6.19 18.56
C1 GAL D . -10.60 4.43 14.33
C2 GAL D . -9.97 4.66 12.96
C3 GAL D . -10.19 6.08 12.49
C4 GAL D . -11.67 6.46 12.57
C5 GAL D . -12.18 6.19 13.98
C6 GAL D . -13.66 6.46 14.14
O2 GAL D . -8.58 4.32 12.98
O3 GAL D . -9.67 6.26 11.17
O4 GAL D . -12.42 5.64 11.69
O5 GAL D . -11.98 4.81 14.31
O6 GAL D . -14.06 6.35 15.52
C1 DGS D . -9.10 7.59 11.08
C2 DGS D . -8.75 7.82 9.61
C3 DGS D . -7.89 9.07 9.52
C4 DGS D . -6.59 8.92 10.30
C5 DGS D . -7.20 8.93 11.69
C6 DGS D . -8.07 10.15 11.58
O2 DGS D . -8.06 6.63 9.15
O3 DGS D . -8.53 10.17 10.20
O4 DGS D . -5.72 10.00 10.07
O5 DGS D . -7.94 7.72 11.90
O7 DGS D . -8.66 6.93 6.81
O8 DGS D . -6.38 7.30 7.46
O9 DGS D . -7.28 5.08 7.54
S DGS D . -7.56 6.50 7.64
CA CA E . 15.86 -4.67 -7.39
BR BR F . 37.06 -3.04 -3.87
BR BR G . 25.37 -7.58 -26.11
BR BR H . 30.29 -33.18 -5.79
CL CL I . -1.79 0.22 5.99
CL CL J . 2.47 1.56 -5.81
CL CL K . 6.80 13.89 19.92
CL CL L . 28.85 13.25 6.30
CL CL M . 5.69 -2.24 27.00
CL CL N . 6.06 1.21 -10.46
C1 GOL O . 23.07 15.44 -0.20
O1 GOL O . 24.23 15.06 0.49
C2 GOL O . 23.56 16.15 -1.48
O2 GOL O . 24.60 17.01 -1.23
C3 GOL O . 22.32 16.91 -2.01
O3 GOL O . 22.74 17.54 -3.18
C1 GOL P . 0.27 -16.25 -3.08
O1 GOL P . -0.50 -16.74 -2.04
C2 GOL P . 0.64 -17.48 -3.95
O2 GOL P . -0.49 -18.15 -4.39
C3 GOL P . 1.47 -16.91 -5.12
O3 GOL P . 1.64 -17.99 -5.98
C1 GOL Q . 4.33 3.26 -1.00
O1 GOL Q . 4.48 2.41 -2.10
C2 GOL Q . 3.88 4.68 -1.48
O2 GOL Q . 4.26 5.69 -0.59
C3 GOL Q . 4.44 4.87 -2.90
O3 GOL Q . 3.62 5.86 -3.48
CA CA R . -15.73 5.02 7.33
BR BR S . -28.86 22.05 8.78
BR BR T . -27.67 1.96 24.56
BR BR U . -45.15 -1.26 -3.29
CL CL V . 8.35 21.39 -10.77
CL CL W . -3.32 13.44 -24.96
CL CL X . -5.25 0.41 10.72
C1 GOL Y . -5.51 25.29 10.79
O1 GOL Y . -6.67 25.83 10.24
C2 GOL Y . -5.71 25.35 12.32
O2 GOL Y . -6.84 24.65 12.70
C3 GOL Y . -4.41 24.75 12.90
O3 GOL Y . -4.61 24.59 14.26
C1 GOL Z . -0.80 4.56 2.89
O1 GOL Z . -1.90 3.78 3.26
C2 GOL Z . -0.24 5.17 4.21
O2 GOL Z . 0.45 4.23 4.98
C3 GOL Z . 0.70 6.34 3.79
O3 GOL Z . 1.06 6.16 2.46
C1 GOL AA . -11.90 -10.58 -4.44
O1 GOL AA . -10.72 -11.21 -3.99
C2 GOL AA . -13.08 -11.50 -4.04
O2 GOL AA . -12.73 -12.84 -4.11
C3 GOL AA . -13.45 -11.06 -2.60
O3 GOL AA . -14.45 -11.94 -2.20
#